data_407D
# 
_entry.id   407D 
# 
_audit_conform.dict_name       mmcif_pdbx.dic 
_audit_conform.dict_version    5.387 
_audit_conform.dict_location   http://mmcif.pdb.org/dictionaries/ascii/mmcif_pdbx.dic 
# 
loop_
_database_2.database_id 
_database_2.database_code 
_database_2.pdbx_database_accession 
_database_2.pdbx_DOI 
PDB   407D         pdb_0000407d 10.2210/pdb407d/pdb 
RCSB  BDD002       ?            ?                   
WWPDB D_1000179207 ?            ?                   
# 
loop_
_pdbx_audit_revision_history.ordinal 
_pdbx_audit_revision_history.data_content_type 
_pdbx_audit_revision_history.major_revision 
_pdbx_audit_revision_history.minor_revision 
_pdbx_audit_revision_history.revision_date 
1 'Structure model' 1 0 1998-10-19 
2 'Structure model' 1 1 2008-05-22 
3 'Structure model' 1 2 2011-07-13 
4 'Structure model' 1 3 2011-11-16 
5 'Structure model' 1 4 2017-05-03 
6 'Structure model' 2 0 2018-09-26 
7 'Structure model' 2 1 2024-02-28 
# 
_pdbx_audit_revision_details.ordinal             1 
_pdbx_audit_revision_details.revision_ordinal    1 
_pdbx_audit_revision_details.data_content_type   'Structure model' 
_pdbx_audit_revision_details.provider            repository 
_pdbx_audit_revision_details.type                'Initial release' 
_pdbx_audit_revision_details.description         ? 
_pdbx_audit_revision_details.details             ? 
# 
loop_
_pdbx_audit_revision_group.ordinal 
_pdbx_audit_revision_group.revision_ordinal 
_pdbx_audit_revision_group.data_content_type 
_pdbx_audit_revision_group.group 
1  2 'Structure model' 'Version format compliance' 
2  3 'Structure model' 'Version format compliance' 
3  4 'Structure model' 'Atomic model'              
4  5 'Structure model' 'Source and taxonomy'       
5  5 'Structure model' 'Structure summary'         
6  6 'Structure model' Advisory                    
7  6 'Structure model' 'Data collection'           
8  6 'Structure model' 'Derived calculations'      
9  6 'Structure model' 'Non-polymer description'   
10 6 'Structure model' 'Structure summary'         
11 7 'Structure model' 'Data collection'           
12 7 'Structure model' 'Database references'       
13 7 'Structure model' 'Derived calculations'      
# 
loop_
_pdbx_audit_revision_category.ordinal 
_pdbx_audit_revision_category.revision_ordinal 
_pdbx_audit_revision_category.data_content_type 
_pdbx_audit_revision_category.category 
1  6 'Structure model' chem_comp                  
2  6 'Structure model' entity                     
3  6 'Structure model' ndb_struct_na_base_pair    
4  6 'Structure model' pdbx_distant_solvent_atoms 
5  6 'Structure model' pdbx_entity_nonpoly        
6  6 'Structure model' struct_conn                
7  7 'Structure model' chem_comp_atom             
8  7 'Structure model' chem_comp_bond             
9  7 'Structure model' database_2                 
10 7 'Structure model' struct_site                
# 
loop_
_pdbx_audit_revision_item.ordinal 
_pdbx_audit_revision_item.revision_ordinal 
_pdbx_audit_revision_item.data_content_type 
_pdbx_audit_revision_item.item 
1  6 'Structure model' '_chem_comp.formula'                     
2  6 'Structure model' '_chem_comp.formula_weight'              
3  6 'Structure model' '_chem_comp.name'                        
4  6 'Structure model' '_entity.formula_weight'                 
5  6 'Structure model' '_entity.pdbx_description'               
6  6 'Structure model' '_ndb_struct_na_base_pair.hbond_type_12' 
7  6 'Structure model' '_ndb_struct_na_base_pair.hbond_type_28' 
8  6 'Structure model' '_pdbx_entity_nonpoly.name'              
9  6 'Structure model' '_struct_conn.details'                   
10 6 'Structure model' '_struct_conn.ptnr1_auth_comp_id'        
11 6 'Structure model' '_struct_conn.ptnr1_auth_seq_id'         
12 6 'Structure model' '_struct_conn.ptnr1_label_atom_id'       
13 6 'Structure model' '_struct_conn.ptnr1_label_comp_id'       
14 6 'Structure model' '_struct_conn.ptnr1_label_seq_id'        
15 6 'Structure model' '_struct_conn.ptnr2_auth_comp_id'        
16 6 'Structure model' '_struct_conn.ptnr2_auth_seq_id'         
17 6 'Structure model' '_struct_conn.ptnr2_label_atom_id'       
18 6 'Structure model' '_struct_conn.ptnr2_label_comp_id'       
19 6 'Structure model' '_struct_conn.ptnr2_label_seq_id'        
20 7 'Structure model' '_database_2.pdbx_DOI'                   
21 7 'Structure model' '_database_2.pdbx_database_accession'    
22 7 'Structure model' '_struct_site.pdbx_auth_asym_id'         
23 7 'Structure model' '_struct_site.pdbx_auth_comp_id'         
24 7 'Structure model' '_struct_site.pdbx_auth_seq_id'          
# 
_pdbx_database_status.status_code                     REL 
_pdbx_database_status.entry_id                        407D 
_pdbx_database_status.recvd_initial_deposition_date   1998-06-24 
_pdbx_database_status.deposit_site                    NDB 
_pdbx_database_status.process_site                    NDB 
_pdbx_database_status.SG_entry                        . 
_pdbx_database_status.status_code_sf                  ? 
_pdbx_database_status.status_code_mr                  ? 
_pdbx_database_status.pdb_format_compatible           Y 
_pdbx_database_status.status_code_cs                  ? 
_pdbx_database_status.methods_development_category    ? 
_pdbx_database_status.status_code_nmr_data            ? 
# 
_audit_author.name               'Rees, D.C.' 
_audit_author.pdbx_ordinal       1 
_audit_author.identifier_ORCID   ? 
# 
_citation.id                        primary 
_citation.title                     'A structural basis for recognition of A.T and T.A base pairs in the minor groove of B-DNA.' 
_citation.journal_abbrev            Science 
_citation.journal_volume            282 
_citation.page_first                111 
_citation.page_last                 115 
_citation.year                      1998 
_citation.journal_id_ASTM           SCIEAS 
_citation.country                   US 
_citation.journal_id_ISSN           0036-8075 
_citation.journal_id_CSD            0038 
_citation.book_publisher            ? 
_citation.pdbx_database_id_PubMed   9756473 
_citation.pdbx_database_id_DOI      10.1126/science.282.5386.111 
# 
loop_
_citation_author.citation_id 
_citation_author.name 
_citation_author.ordinal 
_citation_author.identifier_ORCID 
primary 'Kielkopf, C.L.' 1 ? 
primary 'White, S.'      2 ? 
primary 'Szewczyk, J.W.' 3 ? 
primary 'Turner, J.M.'   4 ? 
primary 'Baird, E.E.'    5 ? 
primary 'Dervan, P.B.'   6 ? 
primary 'Rees, D.C.'     7 ? 
# 
loop_
_entity.id 
_entity.type 
_entity.src_method 
_entity.pdbx_description 
_entity.formula_weight 
_entity.pdbx_number_of_molecules 
_entity.pdbx_ec 
_entity.pdbx_mutation 
_entity.pdbx_fragment 
_entity.details 
1 polymer     syn 
;DNA (5'-D(*CP*CP*AP*GP*TP*AP*CP*TP*GP*G)-3')
;
3045.004 2  ? ? ? ? 
2 non-polymer syn 
;~{N}-[5-[[5-[[5-[[3-[3-(dimethylamino)propylamino]-3-oxidanylidene-propyl]carbamoyl]-1-methyl-pyrrol-3-yl]carbamoyl]-1-methyl-pyrrol-3-yl]carbamoyl]-1-methyl-4-oxidanyl-pyrrol-3-yl]-1-methyl-imidazole-2-carboxamide
;
663.727  2  ? ? ? ? 
3 non-polymer syn 2-AMINO-2-HYDROXYMETHYL-PROPANE-1,3-DIOL 122.143  1  ? ? ? ? 
4 water       nat water 18.015   65 ? ? ? ? 
# 
_entity_poly.entity_id                      1 
_entity_poly.type                           polydeoxyribonucleotide 
_entity_poly.nstd_linkage                   no 
_entity_poly.nstd_monomer                   no 
_entity_poly.pdbx_seq_one_letter_code       '(DC)(DC)(DA)(DG)(DT)(DA)(DC)(DT)(DG)(DG)' 
_entity_poly.pdbx_seq_one_letter_code_can   CCAGTACTGG 
_entity_poly.pdbx_strand_id                 A,B 
_entity_poly.pdbx_target_identifier         ? 
# 
loop_
_pdbx_entity_nonpoly.entity_id 
_pdbx_entity_nonpoly.name 
_pdbx_entity_nonpoly.comp_id 
2 
;~{N}-[5-[[5-[[5-[[3-[3-(dimethylamino)propylamino]-3-oxidanylidene-propyl]carbamoyl]-1-methyl-pyrrol-3-yl]carbamoyl]-1-methyl-pyrrol-3-yl]carbamoyl]-1-methyl-4-oxidanyl-pyrrol-3-yl]-1-methyl-imidazole-2-carboxamide
;
HP1 
3 2-AMINO-2-HYDROXYMETHYL-PROPANE-1,3-DIOL TRS 
4 water HOH 
# 
loop_
_entity_poly_seq.entity_id 
_entity_poly_seq.num 
_entity_poly_seq.mon_id 
_entity_poly_seq.hetero 
1 1  DC n 
1 2  DC n 
1 3  DA n 
1 4  DG n 
1 5  DT n 
1 6  DA n 
1 7  DC n 
1 8  DT n 
1 9  DG n 
1 10 DG n 
# 
_pdbx_entity_src_syn.entity_id              1 
_pdbx_entity_src_syn.pdbx_src_id            1 
_pdbx_entity_src_syn.pdbx_alt_source_flag   sample 
_pdbx_entity_src_syn.pdbx_beg_seq_num       ? 
_pdbx_entity_src_syn.pdbx_end_seq_num       ? 
_pdbx_entity_src_syn.organism_scientific    'synthetic construct' 
_pdbx_entity_src_syn.organism_common_name   ? 
_pdbx_entity_src_syn.ncbi_taxonomy_id       32630 
_pdbx_entity_src_syn.details                ? 
# 
loop_
_chem_comp.id 
_chem_comp.type 
_chem_comp.mon_nstd_flag 
_chem_comp.name 
_chem_comp.pdbx_synonyms 
_chem_comp.formula 
_chem_comp.formula_weight 
DA  'DNA linking' y "2'-DEOXYADENOSINE-5'-MONOPHOSPHATE" ? 'C10 H14 N5 O6 P' 331.222 
DC  'DNA linking' y "2'-DEOXYCYTIDINE-5'-MONOPHOSPHATE" ? 'C9 H14 N3 O7 P'  307.197 
DG  'DNA linking' y "2'-DEOXYGUANOSINE-5'-MONOPHOSPHATE" ? 'C10 H14 N5 O7 P' 347.221 
DT  'DNA linking' y "THYMIDINE-5'-MONOPHOSPHATE" ?                                                                                 
'C10 H15 N2 O8 P' 322.208 
HOH non-polymer   . WATER ?                                                                                 'H2 O'            
18.015  
HP1 non-polymer   . 
;~{N}-[5-[[5-[[5-[[3-[3-(dimethylamino)propylamino]-3-oxidanylidene-propyl]carbamoyl]-1-methyl-pyrrol-3-yl]carbamoyl]-1-methyl-pyrrol-3-yl]carbamoyl]-1-methyl-4-oxidanyl-pyrrol-3-yl]-1-methyl-imidazole-2-carboxamide
;
'IMIDAZOLE-HYDROXYPYRROLE-PYRROLE-PYRROLE-BETA ALANINE-DIMETHYLAMINO PROPYLAMIDE' 'C31 H41 N11 O6'  663.727 
TRS non-polymer   . 2-AMINO-2-HYDROXYMETHYL-PROPANE-1,3-DIOL 'TRIS BUFFER' 'C4 H12 N O3 1'   122.143 
# 
loop_
_pdbx_poly_seq_scheme.asym_id 
_pdbx_poly_seq_scheme.entity_id 
_pdbx_poly_seq_scheme.seq_id 
_pdbx_poly_seq_scheme.mon_id 
_pdbx_poly_seq_scheme.ndb_seq_num 
_pdbx_poly_seq_scheme.pdb_seq_num 
_pdbx_poly_seq_scheme.auth_seq_num 
_pdbx_poly_seq_scheme.pdb_mon_id 
_pdbx_poly_seq_scheme.auth_mon_id 
_pdbx_poly_seq_scheme.pdb_strand_id 
_pdbx_poly_seq_scheme.pdb_ins_code 
_pdbx_poly_seq_scheme.hetero 
A 1 1  DC 1  1  1  DC C A . n 
A 1 2  DC 2  2  2  DC C A . n 
A 1 3  DA 3  3  3  DA A A . n 
A 1 4  DG 4  4  4  DG G A . n 
A 1 5  DT 5  5  5  DT T A . n 
A 1 6  DA 6  6  6  DA A A . n 
A 1 7  DC 7  7  7  DC C A . n 
A 1 8  DT 8  8  8  DT T A . n 
A 1 9  DG 9  9  9  DG G A . n 
A 1 10 DG 10 10 10 DG G A . n 
B 1 1  DC 1  11 11 DC C B . n 
B 1 2  DC 2  12 12 DC C B . n 
B 1 3  DA 3  13 13 DA A B . n 
B 1 4  DG 4  14 14 DG G B . n 
B 1 5  DT 5  15 15 DT T B . n 
B 1 6  DA 6  16 16 DA A B . n 
B 1 7  DC 7  17 17 DC C B . n 
B 1 8  DT 8  18 18 DT T B . n 
B 1 9  DG 9  19 19 DG G B . n 
B 1 10 DG 10 20 20 DG G B . n 
# 
loop_
_pdbx_nonpoly_scheme.asym_id 
_pdbx_nonpoly_scheme.entity_id 
_pdbx_nonpoly_scheme.mon_id 
_pdbx_nonpoly_scheme.ndb_seq_num 
_pdbx_nonpoly_scheme.pdb_seq_num 
_pdbx_nonpoly_scheme.auth_seq_num 
_pdbx_nonpoly_scheme.pdb_mon_id 
_pdbx_nonpoly_scheme.auth_mon_id 
_pdbx_nonpoly_scheme.pdb_strand_id 
_pdbx_nonpoly_scheme.pdb_ins_code 
C 2 HP1 1  22  22  HP1 HP1 A . 
D 3 TRS 1  200 200 TRS TRS A . 
E 2 HP1 1  21  21  HP1 HP1 B . 
F 4 HOH 1  23  23  HOH HOH A . 
F 4 HOH 2  30  30  HOH HOH A . 
F 4 HOH 3  31  31  HOH HOH A . 
F 4 HOH 4  32  32  HOH HOH A . 
F 4 HOH 5  33  33  HOH HOH A . 
F 4 HOH 6  34  34  HOH HOH A . 
F 4 HOH 7  35  35  HOH HOH A . 
F 4 HOH 8  38  38  HOH HOH A . 
F 4 HOH 9  39  39  HOH HOH A . 
F 4 HOH 10 40  40  HOH HOH A . 
F 4 HOH 11 43  43  HOH HOH A . 
F 4 HOH 12 44  44  HOH HOH A . 
F 4 HOH 13 46  46  HOH HOH A . 
F 4 HOH 14 48  48  HOH HOH A . 
F 4 HOH 15 50  50  HOH HOH A . 
F 4 HOH 16 52  52  HOH HOH A . 
F 4 HOH 17 56  56  HOH HOH A . 
F 4 HOH 18 59  59  HOH HOH A . 
F 4 HOH 19 60  60  HOH HOH A . 
F 4 HOH 20 61  61  HOH HOH A . 
F 4 HOH 21 64  64  HOH HOH A . 
F 4 HOH 22 67  67  HOH HOH A . 
F 4 HOH 23 70  70  HOH HOH A . 
F 4 HOH 24 75  75  HOH HOH A . 
F 4 HOH 25 76  76  HOH HOH A . 
F 4 HOH 26 77  77  HOH HOH A . 
F 4 HOH 27 78  78  HOH HOH A . 
F 4 HOH 28 81  81  HOH HOH A . 
F 4 HOH 29 83  83  HOH HOH A . 
F 4 HOH 30 88  88  HOH HOH A . 
F 4 HOH 31 89  89  HOH HOH A . 
F 4 HOH 32 91  91  HOH HOH A . 
F 4 HOH 33 93  93  HOH HOH A . 
F 4 HOH 34 95  95  HOH HOH A . 
F 4 HOH 35 100 100 HOH HOH A . 
F 4 HOH 36 107 107 HOH HOH A . 
G 4 HOH 1  26  26  HOH HOH B . 
G 4 HOH 2  27  27  HOH HOH B . 
G 4 HOH 3  28  28  HOH HOH B . 
G 4 HOH 4  29  29  HOH HOH B . 
G 4 HOH 5  37  37  HOH HOH B . 
G 4 HOH 6  41  41  HOH HOH B . 
G 4 HOH 7  42  42  HOH HOH B . 
G 4 HOH 8  47  47  HOH HOH B . 
G 4 HOH 9  49  49  HOH HOH B . 
G 4 HOH 10 51  51  HOH HOH B . 
G 4 HOH 11 53  53  HOH HOH B . 
G 4 HOH 12 54  54  HOH HOH B . 
G 4 HOH 13 55  55  HOH HOH B . 
G 4 HOH 14 57  57  HOH HOH B . 
G 4 HOH 15 62  62  HOH HOH B . 
G 4 HOH 16 63  63  HOH HOH B . 
G 4 HOH 17 65  65  HOH HOH B . 
G 4 HOH 18 68  68  HOH HOH B . 
G 4 HOH 19 69  69  HOH HOH B . 
G 4 HOH 20 72  72  HOH HOH B . 
G 4 HOH 21 74  74  HOH HOH B . 
G 4 HOH 22 82  82  HOH HOH B . 
G 4 HOH 23 85  85  HOH HOH B . 
G 4 HOH 24 86  86  HOH HOH B . 
G 4 HOH 25 90  90  HOH HOH B . 
G 4 HOH 26 104 104 HOH HOH B . 
G 4 HOH 27 105 105 HOH HOH B . 
G 4 HOH 28 109 109 HOH HOH B . 
G 4 HOH 29 112 112 HOH HOH B . 
# 
loop_
_software.name 
_software.classification 
_software.version 
_software.citation_id 
_software.pdbx_ordinal 
X-PLOR    refinement       3.1 ? 1 
DENZO     'data reduction' .   ? 2 
SCALEPACK 'data scaling'   .   ? 3 
# 
_cell.entry_id           407D 
_cell.length_a           60.440 
_cell.length_b           30.510 
_cell.length_c           42.760 
_cell.angle_alpha        90.00 
_cell.angle_beta         120.47 
_cell.angle_gamma        90.00 
_cell.Z_PDB              8 
_cell.pdbx_unique_axis   ? 
_cell.length_a_esd       ? 
_cell.length_b_esd       ? 
_cell.length_c_esd       ? 
_cell.angle_alpha_esd    ? 
_cell.angle_beta_esd     ? 
_cell.angle_gamma_esd    ? 
# 
_symmetry.entry_id                         407D 
_symmetry.space_group_name_H-M             'C 1 2 1' 
_symmetry.pdbx_full_space_group_name_H-M   ? 
_symmetry.cell_setting                     monoclinic 
_symmetry.Int_Tables_number                5 
_symmetry.space_group_name_Hall            ? 
# 
_exptl.entry_id          407D 
_exptl.method            'X-RAY DIFFRACTION' 
_exptl.crystals_number   1 
# 
_exptl_crystal.id                    1 
_exptl_crystal.density_meas          ? 
_exptl_crystal.density_Matthews      2.68 
_exptl_crystal.density_percent_sol   54.06 
_exptl_crystal.description           ? 
_exptl_crystal.F_000                 ? 
_exptl_crystal.preparation           ? 
# 
_exptl_crystal_grow.crystal_id      1 
_exptl_crystal_grow.method          'VAPOR DIFFUSION, HANGING DROP' 
_exptl_crystal_grow.temp            293.00 
_exptl_crystal_grow.temp_details    ? 
_exptl_crystal_grow.pH              7.50 
_exptl_crystal_grow.pdbx_details    'pH 7.50, VAPOR DIFFUSION, HANGING DROP, temperature 293.00K' 
_exptl_crystal_grow.pdbx_pH_range   ? 
# 
loop_
_exptl_crystal_grow_comp.crystal_id 
_exptl_crystal_grow_comp.id 
_exptl_crystal_grow_comp.sol_id 
_exptl_crystal_grow_comp.name 
_exptl_crystal_grow_comp.volume 
_exptl_crystal_grow_comp.conc 
_exptl_crystal_grow_comp.details 
1 1 1 'CALCIUM ACETATE' ? ? ? 
1 2 1 MPD               ? ? ? 
1 3 1 TRIS              ? ? ? 
1 4 2 'CALCIUM ACETATE' ? ? ? 
1 5 2 MPD               ? ? ? 
1 6 2 TRIS              ? ? ? 
# 
_diffrn.id                     1 
_diffrn.ambient_temp           103.00 
_diffrn.ambient_temp_details   ? 
_diffrn.crystal_id             1 
# 
_diffrn_detector.diffrn_id              1 
_diffrn_detector.detector               'IMAGE PLATE' 
_diffrn_detector.type                   MARRESEARCH 
_diffrn_detector.pdbx_collection_date   1997-12-15 
_diffrn_detector.details                ? 
# 
_diffrn_radiation.diffrn_id                        1 
_diffrn_radiation.wavelength_id                    1 
_diffrn_radiation.pdbx_monochromatic_or_laue_m_l   M 
_diffrn_radiation.monochromator                    ? 
_diffrn_radiation.pdbx_diffrn_protocol             'SINGLE WAVELENGTH' 
_diffrn_radiation.pdbx_scattering_type             x-ray 
# 
_diffrn_radiation_wavelength.id           1 
_diffrn_radiation_wavelength.wavelength   . 
_diffrn_radiation_wavelength.wt           1.0 
# 
_diffrn_source.diffrn_id                   1 
_diffrn_source.source                      SYNCHROTRON 
_diffrn_source.type                        'SSRL BEAMLINE BL9-1' 
_diffrn_source.pdbx_synchrotron_site       SSRL 
_diffrn_source.pdbx_synchrotron_beamline   BL9-1 
_diffrn_source.pdbx_wavelength             ? 
_diffrn_source.pdbx_wavelength_list        ? 
# 
_reflns.entry_id                     407D 
_reflns.observed_criterion_sigma_I   0.000 
_reflns.observed_criterion_sigma_F   0.000 
_reflns.d_resolution_low             17.000 
_reflns.d_resolution_high            2.200 
_reflns.number_obs                   3070 
_reflns.number_all                   3070 
_reflns.percent_possible_obs         91.500 
_reflns.pdbx_Rmerge_I_obs            0.0300000 
_reflns.pdbx_Rsym_value              ? 
_reflns.pdbx_netI_over_sigmaI        ? 
_reflns.B_iso_Wilson_estimate        ? 
_reflns.pdbx_redundancy              3.200 
_reflns.R_free_details               ? 
_reflns.pdbx_chi_squared             ? 
_reflns.pdbx_scaling_rejects         ? 
_reflns.pdbx_diffrn_id               1 
_reflns.pdbx_ordinal                 1 
# 
_refine.entry_id                                 407D 
_refine.ls_number_reflns_obs                     3056 
_refine.ls_number_reflns_all                     3224 
_refine.pdbx_ls_sigma_I                          ? 
_refine.pdbx_ls_sigma_F                          0.000 
_refine.pdbx_data_cutoff_high_absF               ? 
_refine.pdbx_data_cutoff_low_absF                ? 
_refine.pdbx_data_cutoff_high_rms_absF           ? 
_refine.ls_d_res_low                             20.000 
_refine.ls_d_res_high                            2.200 
_refine.ls_percent_reflns_obs                    91.600 
_refine.ls_R_factor_obs                          0.2100000 
_refine.ls_R_factor_all                          ? 
_refine.ls_R_factor_R_work                       0.2100000 
_refine.ls_R_factor_R_free                       0.2360000 
_refine.ls_R_factor_R_free_error                 ? 
_refine.ls_R_factor_R_free_error_details         ? 
_refine.ls_percent_reflns_R_free                 4.800 
_refine.ls_number_reflns_R_free                  168 
_refine.ls_number_parameters                     ? 
_refine.ls_number_restraints                     ? 
_refine.occupancy_min                            ? 
_refine.occupancy_max                            ? 
_refine.B_iso_mean                               ? 
_refine.aniso_B[1][1]                            ? 
_refine.aniso_B[2][2]                            ? 
_refine.aniso_B[3][3]                            ? 
_refine.aniso_B[1][2]                            ? 
_refine.aniso_B[1][3]                            ? 
_refine.aniso_B[2][3]                            ? 
_refine.solvent_model_details                    ? 
_refine.solvent_model_param_ksol                 ? 
_refine.solvent_model_param_bsol                 ? 
_refine.pdbx_ls_cross_valid_method               ? 
_refine.details                                  ? 
_refine.pdbx_starting_model                      ? 
_refine.pdbx_method_to_determine_struct          ? 
_refine.pdbx_isotropic_thermal_model             ? 
_refine.pdbx_stereochemistry_target_values       ? 
_refine.pdbx_stereochem_target_val_spec_case     ? 
_refine.pdbx_R_Free_selection_details            ? 
_refine.pdbx_overall_ESU_R                       ? 
_refine.pdbx_overall_ESU_R_Free                  ? 
_refine.overall_SU_ML                            ? 
_refine.overall_SU_B                             ? 
_refine.ls_redundancy_reflns_obs                 ? 
_refine.correlation_coeff_Fo_to_Fc               ? 
_refine.correlation_coeff_Fo_to_Fc_free          ? 
_refine.overall_SU_R_Cruickshank_DPI             ? 
_refine.overall_SU_R_free                        ? 
_refine.pdbx_overall_phase_error                 ? 
_refine.pdbx_solvent_vdw_probe_radii             ? 
_refine.pdbx_solvent_ion_probe_radii             ? 
_refine.pdbx_solvent_shrinkage_radii             ? 
_refine.ls_wR_factor_R_free                      ? 
_refine.ls_wR_factor_R_work                      ? 
_refine.overall_FOM_free_R_set                   ? 
_refine.overall_FOM_work_R_set                   ? 
_refine.pdbx_refine_id                           'X-RAY DIFFRACTION' 
_refine.pdbx_diffrn_id                           1 
_refine.pdbx_TLS_residual_ADP_flag               ? 
_refine.pdbx_overall_SU_R_free_Cruickshank_DPI   ? 
_refine.pdbx_overall_SU_R_Blow_DPI               ? 
_refine.pdbx_overall_SU_R_free_Blow_DPI          ? 
# 
_refine_hist.pdbx_refine_id                   'X-RAY DIFFRACTION' 
_refine_hist.cycle_id                         LAST 
_refine_hist.pdbx_number_atoms_protein        0 
_refine_hist.pdbx_number_atoms_nucleic_acid   404 
_refine_hist.pdbx_number_atoms_ligand         124 
_refine_hist.number_atoms_solvent             65 
_refine_hist.number_atoms_total               593 
_refine_hist.d_res_high                       2.200 
_refine_hist.d_res_low                        20.000 
# 
loop_
_refine_ls_restr.type 
_refine_ls_restr.dev_ideal 
_refine_ls_restr.dev_ideal_target 
_refine_ls_restr.weight 
_refine_ls_restr.number 
_refine_ls_restr.pdbx_refine_id 
_refine_ls_restr.pdbx_restraint_function 
x_bond_d                0.016 ? ? ? 'X-RAY DIFFRACTION' ? 
x_bond_d_na             ?     ? ? ? 'X-RAY DIFFRACTION' ? 
x_bond_d_prot           ?     ? ? ? 'X-RAY DIFFRACTION' ? 
x_angle_d               ?     ? ? ? 'X-RAY DIFFRACTION' ? 
x_angle_d_na            ?     ? ? ? 'X-RAY DIFFRACTION' ? 
x_angle_d_prot          ?     ? ? ? 'X-RAY DIFFRACTION' ? 
x_angle_deg             2.17  ? ? ? 'X-RAY DIFFRACTION' ? 
x_angle_deg_na          ?     ? ? ? 'X-RAY DIFFRACTION' ? 
x_angle_deg_prot        ?     ? ? ? 'X-RAY DIFFRACTION' ? 
x_dihedral_angle_d      ?     ? ? ? 'X-RAY DIFFRACTION' ? 
x_dihedral_angle_d_na   ?     ? ? ? 'X-RAY DIFFRACTION' ? 
x_dihedral_angle_d_prot ?     ? ? ? 'X-RAY DIFFRACTION' ? 
x_improper_angle_d      ?     ? ? ? 'X-RAY DIFFRACTION' ? 
x_improper_angle_d_na   ?     ? ? ? 'X-RAY DIFFRACTION' ? 
x_improper_angle_d_prot ?     ? ? ? 'X-RAY DIFFRACTION' ? 
x_mcbond_it             ?     ? ? ? 'X-RAY DIFFRACTION' ? 
x_mcangle_it            ?     ? ? ? 'X-RAY DIFFRACTION' ? 
x_scbond_it             ?     ? ? ? 'X-RAY DIFFRACTION' ? 
x_scangle_it            ?     ? ? ? 'X-RAY DIFFRACTION' ? 
# 
_pdbx_xplor_file.serial_no        1 
_pdbx_xplor_file.param_file       NOC2ENDO.PARAM 
_pdbx_xplor_file.topol_file       IPP_NODIH.PAR 
_pdbx_xplor_file.pdbx_refine_id   'X-RAY DIFFRACTION' 
# 
_struct.entry_id                  407D 
_struct.title                     'STRUCTURAL BASIS FOR RECOGNITION OF A-T AND T-A BASE PAIRS IN THE MINOR GROOVE OF B-DNA' 
_struct.pdbx_model_details        ? 
_struct.pdbx_CASP_flag            ? 
_struct.pdbx_model_type_details   ? 
# 
_struct_keywords.entry_id        407D 
_struct_keywords.pdbx_keywords   DNA 
_struct_keywords.text            'DRUGS IN THE DNA MINOR GROOVE, DNA' 
# 
loop_
_struct_asym.id 
_struct_asym.pdbx_blank_PDB_chainid_flag 
_struct_asym.pdbx_modified 
_struct_asym.entity_id 
_struct_asym.details 
A N N 1 ? 
B N N 1 ? 
C N N 2 ? 
D N N 3 ? 
E N N 2 ? 
F N N 4 ? 
G N N 4 ? 
# 
_struct_ref.id                         1 
_struct_ref.db_name                    PDB 
_struct_ref.db_code                    407D 
_struct_ref.entity_id                  1 
_struct_ref.pdbx_seq_one_letter_code   CCAGTACTGG 
_struct_ref.pdbx_align_begin           1 
_struct_ref.pdbx_db_accession          407D 
_struct_ref.pdbx_db_isoform            ? 
# 
loop_
_struct_ref_seq.align_id 
_struct_ref_seq.ref_id 
_struct_ref_seq.pdbx_PDB_id_code 
_struct_ref_seq.pdbx_strand_id 
_struct_ref_seq.seq_align_beg 
_struct_ref_seq.pdbx_seq_align_beg_ins_code 
_struct_ref_seq.seq_align_end 
_struct_ref_seq.pdbx_seq_align_end_ins_code 
_struct_ref_seq.pdbx_db_accession 
_struct_ref_seq.db_align_beg 
_struct_ref_seq.pdbx_db_align_beg_ins_code 
_struct_ref_seq.db_align_end 
_struct_ref_seq.pdbx_db_align_end_ins_code 
_struct_ref_seq.pdbx_auth_seq_align_beg 
_struct_ref_seq.pdbx_auth_seq_align_end 
1 1 407D A 1 ? 10 ? 407D 1  ? 10 ? 1  10 
2 1 407D B 1 ? 10 ? 407D 11 ? 20 ? 11 20 
# 
_pdbx_struct_assembly.id                   1 
_pdbx_struct_assembly.details              author_defined_assembly 
_pdbx_struct_assembly.method_details       ? 
_pdbx_struct_assembly.oligomeric_details   dimeric 
_pdbx_struct_assembly.oligomeric_count     2 
# 
_pdbx_struct_assembly_gen.assembly_id       1 
_pdbx_struct_assembly_gen.oper_expression   1 
_pdbx_struct_assembly_gen.asym_id_list      A,B,C,D,E,F,G 
# 
_pdbx_struct_oper_list.id                   1 
_pdbx_struct_oper_list.type                 'identity operation' 
_pdbx_struct_oper_list.name                 1_555 
_pdbx_struct_oper_list.symmetry_operation   x,y,z 
_pdbx_struct_oper_list.matrix[1][1]         1.0000000000 
_pdbx_struct_oper_list.matrix[1][2]         0.0000000000 
_pdbx_struct_oper_list.matrix[1][3]         0.0000000000 
_pdbx_struct_oper_list.vector[1]            0.0000000000 
_pdbx_struct_oper_list.matrix[2][1]         0.0000000000 
_pdbx_struct_oper_list.matrix[2][2]         1.0000000000 
_pdbx_struct_oper_list.matrix[2][3]         0.0000000000 
_pdbx_struct_oper_list.vector[2]            0.0000000000 
_pdbx_struct_oper_list.matrix[3][1]         0.0000000000 
_pdbx_struct_oper_list.matrix[3][2]         0.0000000000 
_pdbx_struct_oper_list.matrix[3][3]         1.0000000000 
_pdbx_struct_oper_list.vector[3]            0.0000000000 
# 
loop_
_struct_conn.id 
_struct_conn.conn_type_id 
_struct_conn.pdbx_leaving_atom_flag 
_struct_conn.pdbx_PDB_id 
_struct_conn.ptnr1_label_asym_id 
_struct_conn.ptnr1_label_comp_id 
_struct_conn.ptnr1_label_seq_id 
_struct_conn.ptnr1_label_atom_id 
_struct_conn.pdbx_ptnr1_label_alt_id 
_struct_conn.pdbx_ptnr1_PDB_ins_code 
_struct_conn.pdbx_ptnr1_standard_comp_id 
_struct_conn.ptnr1_symmetry 
_struct_conn.ptnr2_label_asym_id 
_struct_conn.ptnr2_label_comp_id 
_struct_conn.ptnr2_label_seq_id 
_struct_conn.ptnr2_label_atom_id 
_struct_conn.pdbx_ptnr2_label_alt_id 
_struct_conn.pdbx_ptnr2_PDB_ins_code 
_struct_conn.ptnr1_auth_asym_id 
_struct_conn.ptnr1_auth_comp_id 
_struct_conn.ptnr1_auth_seq_id 
_struct_conn.ptnr2_auth_asym_id 
_struct_conn.ptnr2_auth_comp_id 
_struct_conn.ptnr2_auth_seq_id 
_struct_conn.ptnr2_symmetry 
_struct_conn.pdbx_ptnr3_label_atom_id 
_struct_conn.pdbx_ptnr3_label_seq_id 
_struct_conn.pdbx_ptnr3_label_comp_id 
_struct_conn.pdbx_ptnr3_label_asym_id 
_struct_conn.pdbx_ptnr3_label_alt_id 
_struct_conn.pdbx_ptnr3_PDB_ins_code 
_struct_conn.details 
_struct_conn.pdbx_dist_value 
_struct_conn.pdbx_value_order 
_struct_conn.pdbx_role 
hydrog1  hydrog ? ? A DC 1  N3 ? ? ? 1_555 B DG 10 N1 ? ? A DC 1  B DG 20 1_555 ? ? ? ? ? ? WATSON-CRICK ? ? ? 
hydrog2  hydrog ? ? A DC 1  N4 ? ? ? 1_555 B DG 10 O6 ? ? A DC 1  B DG 20 1_555 ? ? ? ? ? ? WATSON-CRICK ? ? ? 
hydrog3  hydrog ? ? A DC 1  O2 ? ? ? 1_555 B DG 10 N2 ? ? A DC 1  B DG 20 1_555 ? ? ? ? ? ? WATSON-CRICK ? ? ? 
hydrog4  hydrog ? ? A DC 2  N3 ? ? ? 1_555 B DG 9  N1 ? ? A DC 2  B DG 19 1_555 ? ? ? ? ? ? WATSON-CRICK ? ? ? 
hydrog5  hydrog ? ? A DC 2  N4 ? ? ? 1_555 B DG 9  O6 ? ? A DC 2  B DG 19 1_555 ? ? ? ? ? ? WATSON-CRICK ? ? ? 
hydrog6  hydrog ? ? A DC 2  O2 ? ? ? 1_555 B DG 9  N2 ? ? A DC 2  B DG 19 1_555 ? ? ? ? ? ? WATSON-CRICK ? ? ? 
hydrog7  hydrog ? ? A DA 3  N1 ? ? ? 1_555 B DT 8  N3 ? ? A DA 3  B DT 18 1_555 ? ? ? ? ? ? WATSON-CRICK ? ? ? 
hydrog8  hydrog ? ? A DA 3  N6 ? ? ? 1_555 B DT 8  O4 ? ? A DA 3  B DT 18 1_555 ? ? ? ? ? ? WATSON-CRICK ? ? ? 
hydrog9  hydrog ? ? A DG 4  N1 ? ? ? 1_555 B DC 7  N3 ? ? A DG 4  B DC 17 1_555 ? ? ? ? ? ? WATSON-CRICK ? ? ? 
hydrog10 hydrog ? ? A DG 4  N2 ? ? ? 1_555 B DC 7  O2 ? ? A DG 4  B DC 17 1_555 ? ? ? ? ? ? WATSON-CRICK ? ? ? 
hydrog11 hydrog ? ? A DG 4  O6 ? ? ? 1_555 B DC 7  N4 ? ? A DG 4  B DC 17 1_555 ? ? ? ? ? ? WATSON-CRICK ? ? ? 
hydrog12 hydrog ? ? A DT 5  N3 ? ? ? 1_555 B DA 6  N1 ? ? A DT 5  B DA 16 1_555 ? ? ? ? ? ? WATSON-CRICK ? ? ? 
hydrog13 hydrog ? ? A DT 5  O4 ? ? ? 1_555 B DA 6  N6 ? ? A DT 5  B DA 16 1_555 ? ? ? ? ? ? WATSON-CRICK ? ? ? 
hydrog14 hydrog ? ? A DA 6  N1 ? ? ? 1_555 B DT 5  N3 ? ? A DA 6  B DT 15 1_555 ? ? ? ? ? ? WATSON-CRICK ? ? ? 
hydrog15 hydrog ? ? A DA 6  N6 ? ? ? 1_555 B DT 5  O4 ? ? A DA 6  B DT 15 1_555 ? ? ? ? ? ? WATSON-CRICK ? ? ? 
hydrog16 hydrog ? ? A DC 7  N3 ? ? ? 1_555 B DG 4  N1 ? ? A DC 7  B DG 14 1_555 ? ? ? ? ? ? WATSON-CRICK ? ? ? 
hydrog17 hydrog ? ? A DC 7  N4 ? ? ? 1_555 B DG 4  O6 ? ? A DC 7  B DG 14 1_555 ? ? ? ? ? ? WATSON-CRICK ? ? ? 
hydrog18 hydrog ? ? A DC 7  O2 ? ? ? 1_555 B DG 4  N2 ? ? A DC 7  B DG 14 1_555 ? ? ? ? ? ? WATSON-CRICK ? ? ? 
hydrog19 hydrog ? ? A DT 8  N3 ? ? ? 1_555 B DA 3  N1 ? ? A DT 8  B DA 13 1_555 ? ? ? ? ? ? WATSON-CRICK ? ? ? 
hydrog20 hydrog ? ? A DT 8  O4 ? ? ? 1_555 B DA 3  N6 ? ? A DT 8  B DA 13 1_555 ? ? ? ? ? ? WATSON-CRICK ? ? ? 
hydrog21 hydrog ? ? A DG 9  N1 ? ? ? 1_555 B DC 2  N3 ? ? A DG 9  B DC 12 1_555 ? ? ? ? ? ? WATSON-CRICK ? ? ? 
hydrog22 hydrog ? ? A DG 9  N2 ? ? ? 1_555 B DC 2  O2 ? ? A DG 9  B DC 12 1_555 ? ? ? ? ? ? WATSON-CRICK ? ? ? 
hydrog23 hydrog ? ? A DG 9  O6 ? ? ? 1_555 B DC 2  N4 ? ? A DG 9  B DC 12 1_555 ? ? ? ? ? ? WATSON-CRICK ? ? ? 
hydrog24 hydrog ? ? A DG 10 N1 ? ? ? 1_555 B DC 1  N3 ? ? A DG 10 B DC 11 1_555 ? ? ? ? ? ? WATSON-CRICK ? ? ? 
hydrog25 hydrog ? ? A DG 10 N2 ? ? ? 1_555 B DC 1  O2 ? ? A DG 10 B DC 11 1_555 ? ? ? ? ? ? WATSON-CRICK ? ? ? 
hydrog26 hydrog ? ? A DG 10 O6 ? ? ? 1_555 B DC 1  N4 ? ? A DG 10 B DC 11 1_555 ? ? ? ? ? ? WATSON-CRICK ? ? ? 
# 
_struct_conn_type.id          hydrog 
_struct_conn_type.criteria    ? 
_struct_conn_type.reference   ? 
# 
loop_
_struct_site.id 
_struct_site.pdbx_evidence_code 
_struct_site.pdbx_auth_asym_id 
_struct_site.pdbx_auth_comp_id 
_struct_site.pdbx_auth_seq_id 
_struct_site.pdbx_auth_ins_code 
_struct_site.pdbx_num_residues 
_struct_site.details 
AC1 Software B HP1 21  ? 17 'BINDING SITE FOR RESIDUE HP1 B 21'  
AC2 Software A HP1 22  ? 17 'BINDING SITE FOR RESIDUE HP1 A 22'  
AC3 Software A TRS 200 ? 5  'BINDING SITE FOR RESIDUE TRS A 200' 
1   ?        ? ?   ?   ? ?  ?                                    
# 
loop_
_struct_site_gen.id 
_struct_site_gen.site_id 
_struct_site_gen.pdbx_num_res 
_struct_site_gen.label_comp_id 
_struct_site_gen.label_asym_id 
_struct_site_gen.label_seq_id 
_struct_site_gen.pdbx_auth_ins_code 
_struct_site_gen.auth_comp_id 
_struct_site_gen.auth_asym_id 
_struct_site_gen.auth_seq_id 
_struct_site_gen.label_atom_id 
_struct_site_gen.label_alt_id 
_struct_site_gen.symmetry 
_struct_site_gen.details 
1  AC1 17 DC  A 2  ? DC  A 2   . ? 1_555 ? 
2  AC1 17 DA  A 3  ? DA  A 3   . ? 1_555 ? 
3  AC1 17 DG  A 4  ? DG  A 4   . ? 1_555 ? 
4  AC1 17 DA  A 6  ? DA  A 6   . ? 1_555 ? 
5  AC1 17 HP1 C .  ? HP1 A 22  . ? 1_555 ? 
6  AC1 17 DC  B 1  ? DC  B 11  . ? 2_656 ? 
7  AC1 17 DG  B 4  ? DG  B 14  . ? 1_555 ? 
8  AC1 17 DT  B 5  ? DT  B 15  . ? 1_555 ? 
9  AC1 17 DA  B 6  ? DA  B 16  . ? 1_555 ? 
10 AC1 17 DC  B 7  ? DC  B 17  . ? 1_555 ? 
11 AC1 17 DT  B 8  ? DT  B 18  . ? 4_556 ? 
12 AC1 17 DT  B 8  ? DT  B 18  . ? 1_555 ? 
13 AC1 17 DG  B 9  ? DG  B 19  . ? 1_555 ? 
14 AC1 17 DG  B 10 ? DG  B 20  . ? 1_555 ? 
15 AC1 17 DG  B 10 ? DG  B 20  . ? 4_546 ? 
16 AC1 17 HOH G .  ? HOH B 68  . ? 1_555 ? 
17 AC1 17 HOH G .  ? HOH B 105 . ? 1_555 ? 
18 AC2 17 DC  A 1  ? DC  A 1   . ? 4_545 ? 
19 AC2 17 DC  A 2  ? DC  A 2   . ? 4_545 ? 
20 AC2 17 DG  A 4  ? DG  A 4   . ? 1_555 ? 
21 AC2 17 DT  A 5  ? DT  A 5   . ? 1_555 ? 
22 AC2 17 DA  A 6  ? DA  A 6   . ? 1_555 ? 
23 AC2 17 DC  A 7  ? DC  A 7   . ? 1_555 ? 
24 AC2 17 DT  A 8  ? DT  A 8   . ? 1_555 ? 
25 AC2 17 DG  A 9  ? DG  A 9   . ? 1_555 ? 
26 AC2 17 HOH F .  ? HOH A 52  . ? 1_555 ? 
27 AC2 17 HOH F .  ? HOH A 75  . ? 1_555 ? 
28 AC2 17 DC  B 1  ? DC  B 11  . ? 2_656 ? 
29 AC2 17 DC  B 2  ? DC  B 12  . ? 2_656 ? 
30 AC2 17 DA  B 3  ? DA  B 13  . ? 1_555 ? 
31 AC2 17 DG  B 4  ? DG  B 14  . ? 1_555 ? 
32 AC2 17 DA  B 6  ? DA  B 16  . ? 1_555 ? 
33 AC2 17 DG  B 10 ? DG  B 20  . ? 4_546 ? 
34 AC2 17 HP1 E .  ? HP1 B 21  . ? 1_555 ? 
35 AC3 5  DT  A 5  ? DT  A 5   . ? 1_555 ? 
36 AC3 5  DA  A 6  ? DA  A 6   . ? 1_555 ? 
37 AC3 5  HOH F .  ? HOH A 34  . ? 1_555 ? 
38 AC3 5  HOH F .  ? HOH A 59  . ? 1_555 ? 
39 AC3 5  DG  B 4  ? DG  B 14  . ? 1_555 ? 
# 
loop_
_pdbx_validate_close_contact.id 
_pdbx_validate_close_contact.PDB_model_num 
_pdbx_validate_close_contact.auth_atom_id_1 
_pdbx_validate_close_contact.auth_asym_id_1 
_pdbx_validate_close_contact.auth_comp_id_1 
_pdbx_validate_close_contact.auth_seq_id_1 
_pdbx_validate_close_contact.PDB_ins_code_1 
_pdbx_validate_close_contact.label_alt_id_1 
_pdbx_validate_close_contact.auth_atom_id_2 
_pdbx_validate_close_contact.auth_asym_id_2 
_pdbx_validate_close_contact.auth_comp_id_2 
_pdbx_validate_close_contact.auth_seq_id_2 
_pdbx_validate_close_contact.PDB_ins_code_2 
_pdbx_validate_close_contact.label_alt_id_2 
_pdbx_validate_close_contact.dist 
1 1 OP2 A DC  2  ? ? O A HOH 35 ? ? 1.97 
2 1 O   B HOH 26 ? ? O B HOH 62 ? ? 2.15 
# 
_pdbx_validate_symm_contact.id                1 
_pdbx_validate_symm_contact.PDB_model_num     1 
_pdbx_validate_symm_contact.auth_atom_id_1    O6 
_pdbx_validate_symm_contact.auth_asym_id_1    A 
_pdbx_validate_symm_contact.auth_comp_id_1    DG 
_pdbx_validate_symm_contact.auth_seq_id_1     10 
_pdbx_validate_symm_contact.PDB_ins_code_1    ? 
_pdbx_validate_symm_contact.label_alt_id_1    ? 
_pdbx_validate_symm_contact.site_symmetry_1   1_555 
_pdbx_validate_symm_contact.auth_atom_id_2    O 
_pdbx_validate_symm_contact.auth_asym_id_2    B 
_pdbx_validate_symm_contact.auth_comp_id_2    HOH 
_pdbx_validate_symm_contact.auth_seq_id_2     26 
_pdbx_validate_symm_contact.PDB_ins_code_2    ? 
_pdbx_validate_symm_contact.label_alt_id_2    ? 
_pdbx_validate_symm_contact.site_symmetry_2   3_545 
_pdbx_validate_symm_contact.dist              2.16 
# 
loop_
_pdbx_validate_rmsd_angle.id 
_pdbx_validate_rmsd_angle.PDB_model_num 
_pdbx_validate_rmsd_angle.auth_atom_id_1 
_pdbx_validate_rmsd_angle.auth_asym_id_1 
_pdbx_validate_rmsd_angle.auth_comp_id_1 
_pdbx_validate_rmsd_angle.auth_seq_id_1 
_pdbx_validate_rmsd_angle.PDB_ins_code_1 
_pdbx_validate_rmsd_angle.label_alt_id_1 
_pdbx_validate_rmsd_angle.auth_atom_id_2 
_pdbx_validate_rmsd_angle.auth_asym_id_2 
_pdbx_validate_rmsd_angle.auth_comp_id_2 
_pdbx_validate_rmsd_angle.auth_seq_id_2 
_pdbx_validate_rmsd_angle.PDB_ins_code_2 
_pdbx_validate_rmsd_angle.label_alt_id_2 
_pdbx_validate_rmsd_angle.auth_atom_id_3 
_pdbx_validate_rmsd_angle.auth_asym_id_3 
_pdbx_validate_rmsd_angle.auth_comp_id_3 
_pdbx_validate_rmsd_angle.auth_seq_id_3 
_pdbx_validate_rmsd_angle.PDB_ins_code_3 
_pdbx_validate_rmsd_angle.label_alt_id_3 
_pdbx_validate_rmsd_angle.angle_value 
_pdbx_validate_rmsd_angle.angle_target_value 
_pdbx_validate_rmsd_angle.angle_deviation 
_pdbx_validate_rmsd_angle.angle_standard_deviation 
_pdbx_validate_rmsd_angle.linker_flag 
1 1 "C3'" B DG 14 ? ? "C2'" B DG 14 ? ? "C1'" B DG 14 ? ? 97.51  102.40 -4.89  0.80 N 
2 1 "C3'" B DT 15 ? ? "C2'" B DT 15 ? ? "C1'" B DT 15 ? ? 94.56  102.40 -7.84  0.80 N 
3 1 "O4'" B DT 15 ? ? "C1'" B DT 15 ? ? N1    B DT 15 ? ? 110.93 108.30 2.63   0.30 N 
4 1 C6    B DT 15 ? ? N1    B DT 15 ? ? "C1'" B DT 15 ? ? 100.15 120.40 -20.25 1.50 N 
5 1 C2    B DT 15 ? ? N1    B DT 15 ? ? "C1'" B DT 15 ? ? 137.27 118.20 19.07  1.60 N 
# 
loop_
_pdbx_validate_planes.id 
_pdbx_validate_planes.PDB_model_num 
_pdbx_validate_planes.auth_comp_id 
_pdbx_validate_planes.auth_asym_id 
_pdbx_validate_planes.auth_seq_id 
_pdbx_validate_planes.PDB_ins_code 
_pdbx_validate_planes.label_alt_id 
_pdbx_validate_planes.rmsd 
_pdbx_validate_planes.type 
1 1 DG A 4  ? ? 0.074 'SIDE CHAIN' 
2 1 DG A 10 ? ? 0.066 'SIDE CHAIN' 
3 1 DG B 14 ? ? 0.065 'SIDE CHAIN' 
4 1 DA B 16 ? ? 0.067 'SIDE CHAIN' 
# 
_struct_site_keywords.site_id   1 
_struct_site_keywords.text      'MINOR GROOVE BINDER' 
# 
_pdbx_struct_special_symmetry.id              1 
_pdbx_struct_special_symmetry.PDB_model_num   1 
_pdbx_struct_special_symmetry.auth_asym_id    A 
_pdbx_struct_special_symmetry.auth_comp_id    HOH 
_pdbx_struct_special_symmetry.auth_seq_id     60 
_pdbx_struct_special_symmetry.PDB_ins_code    ? 
_pdbx_struct_special_symmetry.label_asym_id   F 
_pdbx_struct_special_symmetry.label_comp_id   HOH 
_pdbx_struct_special_symmetry.label_seq_id    . 
# 
loop_
_pdbx_distant_solvent_atoms.id 
_pdbx_distant_solvent_atoms.PDB_model_num 
_pdbx_distant_solvent_atoms.auth_atom_id 
_pdbx_distant_solvent_atoms.label_alt_id 
_pdbx_distant_solvent_atoms.auth_asym_id 
_pdbx_distant_solvent_atoms.auth_comp_id 
_pdbx_distant_solvent_atoms.auth_seq_id 
_pdbx_distant_solvent_atoms.PDB_ins_code 
_pdbx_distant_solvent_atoms.neighbor_macromolecule_distance 
_pdbx_distant_solvent_atoms.neighbor_ligand_distance 
1 1 O ? A HOH 89  ? 7.98 .    
2 1 O ? B HOH 90  ? 6.96 .    
3 1 O ? B HOH 104 ? 6.56 .    
4 1 O ? B HOH 112 ? .    6.62 
# 
loop_
_chem_comp_atom.comp_id 
_chem_comp_atom.atom_id 
_chem_comp_atom.type_symbol 
_chem_comp_atom.pdbx_aromatic_flag 
_chem_comp_atom.pdbx_stereo_config 
_chem_comp_atom.pdbx_ordinal 
DA  OP3    O N N 1   
DA  P      P N N 2   
DA  OP1    O N N 3   
DA  OP2    O N N 4   
DA  "O5'"  O N N 5   
DA  "C5'"  C N N 6   
DA  "C4'"  C N R 7   
DA  "O4'"  O N N 8   
DA  "C3'"  C N S 9   
DA  "O3'"  O N N 10  
DA  "C2'"  C N N 11  
DA  "C1'"  C N R 12  
DA  N9     N Y N 13  
DA  C8     C Y N 14  
DA  N7     N Y N 15  
DA  C5     C Y N 16  
DA  C6     C Y N 17  
DA  N6     N N N 18  
DA  N1     N Y N 19  
DA  C2     C Y N 20  
DA  N3     N Y N 21  
DA  C4     C Y N 22  
DA  HOP3   H N N 23  
DA  HOP2   H N N 24  
DA  "H5'"  H N N 25  
DA  "H5''" H N N 26  
DA  "H4'"  H N N 27  
DA  "H3'"  H N N 28  
DA  "HO3'" H N N 29  
DA  "H2'"  H N N 30  
DA  "H2''" H N N 31  
DA  "H1'"  H N N 32  
DA  H8     H N N 33  
DA  H61    H N N 34  
DA  H62    H N N 35  
DA  H2     H N N 36  
DC  OP3    O N N 37  
DC  P      P N N 38  
DC  OP1    O N N 39  
DC  OP2    O N N 40  
DC  "O5'"  O N N 41  
DC  "C5'"  C N N 42  
DC  "C4'"  C N R 43  
DC  "O4'"  O N N 44  
DC  "C3'"  C N S 45  
DC  "O3'"  O N N 46  
DC  "C2'"  C N N 47  
DC  "C1'"  C N R 48  
DC  N1     N N N 49  
DC  C2     C N N 50  
DC  O2     O N N 51  
DC  N3     N N N 52  
DC  C4     C N N 53  
DC  N4     N N N 54  
DC  C5     C N N 55  
DC  C6     C N N 56  
DC  HOP3   H N N 57  
DC  HOP2   H N N 58  
DC  "H5'"  H N N 59  
DC  "H5''" H N N 60  
DC  "H4'"  H N N 61  
DC  "H3'"  H N N 62  
DC  "HO3'" H N N 63  
DC  "H2'"  H N N 64  
DC  "H2''" H N N 65  
DC  "H1'"  H N N 66  
DC  H41    H N N 67  
DC  H42    H N N 68  
DC  H5     H N N 69  
DC  H6     H N N 70  
DG  OP3    O N N 71  
DG  P      P N N 72  
DG  OP1    O N N 73  
DG  OP2    O N N 74  
DG  "O5'"  O N N 75  
DG  "C5'"  C N N 76  
DG  "C4'"  C N R 77  
DG  "O4'"  O N N 78  
DG  "C3'"  C N S 79  
DG  "O3'"  O N N 80  
DG  "C2'"  C N N 81  
DG  "C1'"  C N R 82  
DG  N9     N Y N 83  
DG  C8     C Y N 84  
DG  N7     N Y N 85  
DG  C5     C Y N 86  
DG  C6     C N N 87  
DG  O6     O N N 88  
DG  N1     N N N 89  
DG  C2     C N N 90  
DG  N2     N N N 91  
DG  N3     N N N 92  
DG  C4     C Y N 93  
DG  HOP3   H N N 94  
DG  HOP2   H N N 95  
DG  "H5'"  H N N 96  
DG  "H5''" H N N 97  
DG  "H4'"  H N N 98  
DG  "H3'"  H N N 99  
DG  "HO3'" H N N 100 
DG  "H2'"  H N N 101 
DG  "H2''" H N N 102 
DG  "H1'"  H N N 103 
DG  H8     H N N 104 
DG  H1     H N N 105 
DG  H21    H N N 106 
DG  H22    H N N 107 
DT  OP3    O N N 108 
DT  P      P N N 109 
DT  OP1    O N N 110 
DT  OP2    O N N 111 
DT  "O5'"  O N N 112 
DT  "C5'"  C N N 113 
DT  "C4'"  C N R 114 
DT  "O4'"  O N N 115 
DT  "C3'"  C N S 116 
DT  "O3'"  O N N 117 
DT  "C2'"  C N N 118 
DT  "C1'"  C N R 119 
DT  N1     N N N 120 
DT  C2     C N N 121 
DT  O2     O N N 122 
DT  N3     N N N 123 
DT  C4     C N N 124 
DT  O4     O N N 125 
DT  C5     C N N 126 
DT  C7     C N N 127 
DT  C6     C N N 128 
DT  HOP3   H N N 129 
DT  HOP2   H N N 130 
DT  "H5'"  H N N 131 
DT  "H5''" H N N 132 
DT  "H4'"  H N N 133 
DT  "H3'"  H N N 134 
DT  "HO3'" H N N 135 
DT  "H2'"  H N N 136 
DT  "H2''" H N N 137 
DT  "H1'"  H N N 138 
DT  H3     H N N 139 
DT  H71    H N N 140 
DT  H72    H N N 141 
DT  H73    H N N 142 
DT  H6     H N N 143 
HOH O      O N N 144 
HOH H1     H N N 145 
HOH H2     H N N 146 
HP1 C      C Y N 147 
HP1 C1     C Y N 148 
HP1 C2     C Y N 149 
HP1 C3     C N N 150 
HP1 C4     C Y N 151 
HP1 C5     C N N 152 
HP1 C6     C Y N 153 
HP1 C8     C Y N 154 
HP1 C9     C N N 155 
HP1 C10    C Y N 156 
HP1 C11    C N N 157 
HP1 C12    C Y N 158 
HP1 C13    C Y N 159 
HP1 C14    C Y N 160 
HP1 C15    C N N 161 
HP1 C16    C Y N 162 
HP1 C18    C N N 163 
HP1 C19    C N N 164 
HP1 C20    C N N 165 
HP1 C21    C N N 166 
HP1 C22    C N N 167 
HP1 C23    C N N 168 
HP1 C24    C N N 169 
HP1 C25    C Y N 170 
HP1 C26    C Y N 171 
HP1 C27    C Y N 172 
HP1 C28    C N N 173 
HP1 C29    C N N 174 
HP1 C30    C N N 175 
HP1 C31    C N N 176 
HP1 C32    C Y N 177 
HP1 O1     O N N 178 
HP1 O2     O N N 179 
HP1 O3     O N N 180 
HP1 O4     O N N 181 
HP1 O5     O N N 182 
HP1 O6     O N N 183 
HP1 N      N Y N 184 
HP1 N1     N N N 185 
HP1 N3     N Y N 186 
HP1 N4     N N N 187 
HP1 N5     N Y N 188 
HP1 N6     N N N 189 
HP1 N7     N N N 190 
HP1 N8     N N N 191 
HP1 N9     N Y N 192 
HP1 N10    N Y N 193 
HP1 N11    N N N 194 
HP1 H1     H N N 195 
HP1 H2     H N N 196 
HP1 H3     H N N 197 
HP1 H4     H N N 198 
HP1 H5     H N N 199 
HP1 H6     H N N 200 
HP1 H7     H N N 201 
HP1 H8     H N N 202 
HP1 H9     H N N 203 
HP1 H10    H N N 204 
HP1 H11    H N N 205 
HP1 H12    H N N 206 
HP1 H13    H N N 207 
HP1 H14    H N N 208 
HP1 H15    H N N 209 
HP1 H16    H N N 210 
HP1 H17    H N N 211 
HP1 H18    H N N 212 
HP1 H19    H N N 213 
HP1 H20    H N N 214 
HP1 H21    H N N 215 
HP1 H22    H N N 216 
HP1 H23    H N N 217 
HP1 H24    H N N 218 
HP1 H25    H N N 219 
HP1 H26    H N N 220 
HP1 H27    H N N 221 
HP1 H28    H N N 222 
HP1 H29    H N N 223 
HP1 H30    H N N 224 
HP1 H31    H N N 225 
HP1 H32    H N N 226 
HP1 H33    H N N 227 
HP1 H34    H N N 228 
HP1 H35    H N N 229 
HP1 H36    H N N 230 
HP1 H37    H N N 231 
HP1 H38    H N N 232 
HP1 H39    H N N 233 
HP1 H41    H N N 234 
HP1 H42    H N N 235 
TRS C      C N N 236 
TRS C1     C N N 237 
TRS C2     C N N 238 
TRS C3     C N N 239 
TRS N      N N N 240 
TRS O1     O N N 241 
TRS O2     O N N 242 
TRS O3     O N N 243 
TRS H11    H N N 244 
TRS H12    H N N 245 
TRS H21    H N N 246 
TRS H22    H N N 247 
TRS H31    H N N 248 
TRS H32    H N N 249 
TRS HN1    H N N 250 
TRS HN2    H N N 251 
TRS HN3    H N N 252 
TRS HO1    H N N 253 
TRS HO2    H N N 254 
TRS HO3    H N N 255 
# 
loop_
_chem_comp_bond.comp_id 
_chem_comp_bond.atom_id_1 
_chem_comp_bond.atom_id_2 
_chem_comp_bond.value_order 
_chem_comp_bond.pdbx_aromatic_flag 
_chem_comp_bond.pdbx_stereo_config 
_chem_comp_bond.pdbx_ordinal 
DA  OP3   P      sing N N 1   
DA  OP3   HOP3   sing N N 2   
DA  P     OP1    doub N N 3   
DA  P     OP2    sing N N 4   
DA  P     "O5'"  sing N N 5   
DA  OP2   HOP2   sing N N 6   
DA  "O5'" "C5'"  sing N N 7   
DA  "C5'" "C4'"  sing N N 8   
DA  "C5'" "H5'"  sing N N 9   
DA  "C5'" "H5''" sing N N 10  
DA  "C4'" "O4'"  sing N N 11  
DA  "C4'" "C3'"  sing N N 12  
DA  "C4'" "H4'"  sing N N 13  
DA  "O4'" "C1'"  sing N N 14  
DA  "C3'" "O3'"  sing N N 15  
DA  "C3'" "C2'"  sing N N 16  
DA  "C3'" "H3'"  sing N N 17  
DA  "O3'" "HO3'" sing N N 18  
DA  "C2'" "C1'"  sing N N 19  
DA  "C2'" "H2'"  sing N N 20  
DA  "C2'" "H2''" sing N N 21  
DA  "C1'" N9     sing N N 22  
DA  "C1'" "H1'"  sing N N 23  
DA  N9    C8     sing Y N 24  
DA  N9    C4     sing Y N 25  
DA  C8    N7     doub Y N 26  
DA  C8    H8     sing N N 27  
DA  N7    C5     sing Y N 28  
DA  C5    C6     sing Y N 29  
DA  C5    C4     doub Y N 30  
DA  C6    N6     sing N N 31  
DA  C6    N1     doub Y N 32  
DA  N6    H61    sing N N 33  
DA  N6    H62    sing N N 34  
DA  N1    C2     sing Y N 35  
DA  C2    N3     doub Y N 36  
DA  C2    H2     sing N N 37  
DA  N3    C4     sing Y N 38  
DC  OP3   P      sing N N 39  
DC  OP3   HOP3   sing N N 40  
DC  P     OP1    doub N N 41  
DC  P     OP2    sing N N 42  
DC  P     "O5'"  sing N N 43  
DC  OP2   HOP2   sing N N 44  
DC  "O5'" "C5'"  sing N N 45  
DC  "C5'" "C4'"  sing N N 46  
DC  "C5'" "H5'"  sing N N 47  
DC  "C5'" "H5''" sing N N 48  
DC  "C4'" "O4'"  sing N N 49  
DC  "C4'" "C3'"  sing N N 50  
DC  "C4'" "H4'"  sing N N 51  
DC  "O4'" "C1'"  sing N N 52  
DC  "C3'" "O3'"  sing N N 53  
DC  "C3'" "C2'"  sing N N 54  
DC  "C3'" "H3'"  sing N N 55  
DC  "O3'" "HO3'" sing N N 56  
DC  "C2'" "C1'"  sing N N 57  
DC  "C2'" "H2'"  sing N N 58  
DC  "C2'" "H2''" sing N N 59  
DC  "C1'" N1     sing N N 60  
DC  "C1'" "H1'"  sing N N 61  
DC  N1    C2     sing N N 62  
DC  N1    C6     sing N N 63  
DC  C2    O2     doub N N 64  
DC  C2    N3     sing N N 65  
DC  N3    C4     doub N N 66  
DC  C4    N4     sing N N 67  
DC  C4    C5     sing N N 68  
DC  N4    H41    sing N N 69  
DC  N4    H42    sing N N 70  
DC  C5    C6     doub N N 71  
DC  C5    H5     sing N N 72  
DC  C6    H6     sing N N 73  
DG  OP3   P      sing N N 74  
DG  OP3   HOP3   sing N N 75  
DG  P     OP1    doub N N 76  
DG  P     OP2    sing N N 77  
DG  P     "O5'"  sing N N 78  
DG  OP2   HOP2   sing N N 79  
DG  "O5'" "C5'"  sing N N 80  
DG  "C5'" "C4'"  sing N N 81  
DG  "C5'" "H5'"  sing N N 82  
DG  "C5'" "H5''" sing N N 83  
DG  "C4'" "O4'"  sing N N 84  
DG  "C4'" "C3'"  sing N N 85  
DG  "C4'" "H4'"  sing N N 86  
DG  "O4'" "C1'"  sing N N 87  
DG  "C3'" "O3'"  sing N N 88  
DG  "C3'" "C2'"  sing N N 89  
DG  "C3'" "H3'"  sing N N 90  
DG  "O3'" "HO3'" sing N N 91  
DG  "C2'" "C1'"  sing N N 92  
DG  "C2'" "H2'"  sing N N 93  
DG  "C2'" "H2''" sing N N 94  
DG  "C1'" N9     sing N N 95  
DG  "C1'" "H1'"  sing N N 96  
DG  N9    C8     sing Y N 97  
DG  N9    C4     sing Y N 98  
DG  C8    N7     doub Y N 99  
DG  C8    H8     sing N N 100 
DG  N7    C5     sing Y N 101 
DG  C5    C6     sing N N 102 
DG  C5    C4     doub Y N 103 
DG  C6    O6     doub N N 104 
DG  C6    N1     sing N N 105 
DG  N1    C2     sing N N 106 
DG  N1    H1     sing N N 107 
DG  C2    N2     sing N N 108 
DG  C2    N3     doub N N 109 
DG  N2    H21    sing N N 110 
DG  N2    H22    sing N N 111 
DG  N3    C4     sing N N 112 
DT  OP3   P      sing N N 113 
DT  OP3   HOP3   sing N N 114 
DT  P     OP1    doub N N 115 
DT  P     OP2    sing N N 116 
DT  P     "O5'"  sing N N 117 
DT  OP2   HOP2   sing N N 118 
DT  "O5'" "C5'"  sing N N 119 
DT  "C5'" "C4'"  sing N N 120 
DT  "C5'" "H5'"  sing N N 121 
DT  "C5'" "H5''" sing N N 122 
DT  "C4'" "O4'"  sing N N 123 
DT  "C4'" "C3'"  sing N N 124 
DT  "C4'" "H4'"  sing N N 125 
DT  "O4'" "C1'"  sing N N 126 
DT  "C3'" "O3'"  sing N N 127 
DT  "C3'" "C2'"  sing N N 128 
DT  "C3'" "H3'"  sing N N 129 
DT  "O3'" "HO3'" sing N N 130 
DT  "C2'" "C1'"  sing N N 131 
DT  "C2'" "H2'"  sing N N 132 
DT  "C2'" "H2''" sing N N 133 
DT  "C1'" N1     sing N N 134 
DT  "C1'" "H1'"  sing N N 135 
DT  N1    C2     sing N N 136 
DT  N1    C6     sing N N 137 
DT  C2    O2     doub N N 138 
DT  C2    N3     sing N N 139 
DT  N3    C4     sing N N 140 
DT  N3    H3     sing N N 141 
DT  C4    O4     doub N N 142 
DT  C4    C5     sing N N 143 
DT  C5    C7     sing N N 144 
DT  C5    C6     doub N N 145 
DT  C7    H71    sing N N 146 
DT  C7    H72    sing N N 147 
DT  C7    H73    sing N N 148 
DT  C6    H6     sing N N 149 
HOH O     H1     sing N N 150 
HOH O     H2     sing N N 151 
HP1 C22   N7     sing N N 152 
HP1 N7    C20    sing N N 153 
HP1 N7    C21    sing N N 154 
HP1 C20   C19    sing N N 155 
HP1 O5    C31    doub N N 156 
HP1 C19   C18    sing N N 157 
HP1 C18   N6     sing N N 158 
HP1 C31   N6     sing N N 159 
HP1 C31   C30    sing N N 160 
HP1 O3    C23    doub N N 161 
HP1 C15   N5     sing N N 162 
HP1 C29   C30    sing N N 163 
HP1 C29   N11    sing N N 164 
HP1 C23   N11    sing N N 165 
HP1 C23   C16    sing N N 166 
HP1 N5    C16    sing Y N 167 
HP1 N5    C14    sing Y N 168 
HP1 C16   C13    doub Y N 169 
HP1 C14   C12    doub Y N 170 
HP1 C13   C12    sing Y N 171 
HP1 C12   N4     sing N N 172 
HP1 O2    C11    doub N N 173 
HP1 N4    C11    sing N N 174 
HP1 C11   C10    sing N N 175 
HP1 C10   N3     sing Y N 176 
HP1 C10   C1     doub Y N 177 
HP1 C9    N3     sing N N 178 
HP1 N3    C8     sing Y N 179 
HP1 C1    C6     sing Y N 180 
HP1 C8    C6     doub Y N 181 
HP1 C6    N1     sing N N 182 
HP1 N1    C5     sing N N 183 
HP1 O6    C32    sing N N 184 
HP1 C5    O1     doub N N 185 
HP1 C5    C4     sing N N 186 
HP1 C32   C4     doub Y N 187 
HP1 C32   C      sing Y N 188 
HP1 C4    N      sing Y N 189 
HP1 C     N8     sing N N 190 
HP1 C     C2     doub Y N 191 
HP1 N8    C24    sing N N 192 
HP1 N10   C26    sing Y N 193 
HP1 N10   C25    doub Y N 194 
HP1 N     C2     sing Y N 195 
HP1 N     C3     sing N N 196 
HP1 C26   C27    doub Y N 197 
HP1 C24   C25    sing N N 198 
HP1 C24   O4     doub N N 199 
HP1 C25   N9     sing Y N 200 
HP1 C27   N9     sing Y N 201 
HP1 N9    C28    sing N N 202 
HP1 C1    H1     sing N N 203 
HP1 C2    H2     sing N N 204 
HP1 C3    H3     sing N N 205 
HP1 C3    H4     sing N N 206 
HP1 C3    H5     sing N N 207 
HP1 C8    H6     sing N N 208 
HP1 C9    H7     sing N N 209 
HP1 C9    H8     sing N N 210 
HP1 C9    H9     sing N N 211 
HP1 C13   H10    sing N N 212 
HP1 C14   H11    sing N N 213 
HP1 C15   H12    sing N N 214 
HP1 C15   H13    sing N N 215 
HP1 C15   H14    sing N N 216 
HP1 C18   H15    sing N N 217 
HP1 C18   H16    sing N N 218 
HP1 C19   H17    sing N N 219 
HP1 C19   H18    sing N N 220 
HP1 C20   H19    sing N N 221 
HP1 C20   H20    sing N N 222 
HP1 C21   H21    sing N N 223 
HP1 C21   H22    sing N N 224 
HP1 C21   H23    sing N N 225 
HP1 C22   H24    sing N N 226 
HP1 C22   H25    sing N N 227 
HP1 C22   H26    sing N N 228 
HP1 C26   H27    sing N N 229 
HP1 C27   H28    sing N N 230 
HP1 C28   H29    sing N N 231 
HP1 C28   H30    sing N N 232 
HP1 C28   H31    sing N N 233 
HP1 C29   H32    sing N N 234 
HP1 C29   H33    sing N N 235 
HP1 C30   H34    sing N N 236 
HP1 C30   H35    sing N N 237 
HP1 O6    H36    sing N N 238 
HP1 N1    H37    sing N N 239 
HP1 N4    H38    sing N N 240 
HP1 N6    H39    sing N N 241 
HP1 N8    H41    sing N N 242 
HP1 N11   H42    sing N N 243 
TRS C     C1     sing N N 244 
TRS C     C2     sing N N 245 
TRS C     C3     sing N N 246 
TRS C     N      sing N N 247 
TRS C1    O1     sing N N 248 
TRS C1    H11    sing N N 249 
TRS C1    H12    sing N N 250 
TRS C2    O2     sing N N 251 
TRS C2    H21    sing N N 252 
TRS C2    H22    sing N N 253 
TRS C3    O3     sing N N 254 
TRS C3    H31    sing N N 255 
TRS C3    H32    sing N N 256 
TRS N     HN1    sing N N 257 
TRS N     HN2    sing N N 258 
TRS N     HN3    sing N N 259 
TRS O1    HO1    sing N N 260 
TRS O2    HO2    sing N N 261 
TRS O3    HO3    sing N N 262 
# 
_ndb_struct_conf_na.entry_id   407D 
_ndb_struct_conf_na.feature    'b-form double helix' 
# 
loop_
_ndb_struct_na_base_pair.model_number 
_ndb_struct_na_base_pair.i_label_asym_id 
_ndb_struct_na_base_pair.i_label_comp_id 
_ndb_struct_na_base_pair.i_label_seq_id 
_ndb_struct_na_base_pair.i_symmetry 
_ndb_struct_na_base_pair.j_label_asym_id 
_ndb_struct_na_base_pair.j_label_comp_id 
_ndb_struct_na_base_pair.j_label_seq_id 
_ndb_struct_na_base_pair.j_symmetry 
_ndb_struct_na_base_pair.shear 
_ndb_struct_na_base_pair.stretch 
_ndb_struct_na_base_pair.stagger 
_ndb_struct_na_base_pair.buckle 
_ndb_struct_na_base_pair.propeller 
_ndb_struct_na_base_pair.opening 
_ndb_struct_na_base_pair.pair_number 
_ndb_struct_na_base_pair.pair_name 
_ndb_struct_na_base_pair.i_auth_asym_id 
_ndb_struct_na_base_pair.i_auth_seq_id 
_ndb_struct_na_base_pair.i_PDB_ins_code 
_ndb_struct_na_base_pair.j_auth_asym_id 
_ndb_struct_na_base_pair.j_auth_seq_id 
_ndb_struct_na_base_pair.j_PDB_ins_code 
_ndb_struct_na_base_pair.hbond_type_28 
_ndb_struct_na_base_pair.hbond_type_12 
1 A DC 1  1_555 B DG 10 1_555 -0.092 0.016  -0.388 5.892   -24.243 6.860  1  A_DC1:DG20_B  A 1  ? B 20 ? 19 1 
1 A DC 2  1_555 B DG 9  1_555 -0.933 0.132  0.063  -15.405 -6.495  1.297  2  A_DC2:DG19_B  A 2  ? B 19 ? 19 1 
1 A DA 3  1_555 B DT 8  1_555 -0.195 -0.233 -0.282 -5.046  -14.127 1.418  3  A_DA3:DT18_B  A 3  ? B 18 ? 20 1 
1 A DG 4  1_555 B DC 7  1_555 -0.753 -0.268 0.078  -3.268  -3.302  3.008  4  A_DG4:DC17_B  A 4  ? B 17 ? 19 1 
1 A DT 5  1_555 B DA 6  1_555 0.019  0.289  0.226  0.737   -12.306 -5.022 5  A_DT5:DA16_B  A 5  ? B 16 ? 20 1 
1 A DA 6  1_555 B DT 5  1_555 0.408  0.381  1.220  7.291   -15.673 -4.289 6  A_DA6:DT15_B  A 6  ? B 15 ? 20 1 
1 A DC 7  1_555 B DG 4  1_555 -0.084 -0.287 0.444  -1.129  -6.284  -3.265 7  A_DC7:DG14_B  A 7  ? B 14 ? 19 1 
1 A DT 8  1_555 B DA 3  1_555 0.240  -0.373 0.146  0.838   -10.237 -2.783 8  A_DT8:DA13_B  A 8  ? B 13 ? 20 1 
1 A DG 9  1_555 B DC 2  1_555 -0.452 0.004  0.492  0.172   -6.787  8.132  9  A_DG9:DC12_B  A 9  ? B 12 ? 19 1 
1 A DG 10 1_555 B DC 1  1_555 0.425  -0.198 0.735  16.224  -12.075 5.705  10 A_DG10:DC11_B A 10 ? B 11 ? 19 1 
# 
loop_
_ndb_struct_na_base_pair_step.model_number 
_ndb_struct_na_base_pair_step.i_label_asym_id_1 
_ndb_struct_na_base_pair_step.i_label_comp_id_1 
_ndb_struct_na_base_pair_step.i_label_seq_id_1 
_ndb_struct_na_base_pair_step.i_symmetry_1 
_ndb_struct_na_base_pair_step.j_label_asym_id_1 
_ndb_struct_na_base_pair_step.j_label_comp_id_1 
_ndb_struct_na_base_pair_step.j_label_seq_id_1 
_ndb_struct_na_base_pair_step.j_symmetry_1 
_ndb_struct_na_base_pair_step.i_label_asym_id_2 
_ndb_struct_na_base_pair_step.i_label_comp_id_2 
_ndb_struct_na_base_pair_step.i_label_seq_id_2 
_ndb_struct_na_base_pair_step.i_symmetry_2 
_ndb_struct_na_base_pair_step.j_label_asym_id_2 
_ndb_struct_na_base_pair_step.j_label_comp_id_2 
_ndb_struct_na_base_pair_step.j_label_seq_id_2 
_ndb_struct_na_base_pair_step.j_symmetry_2 
_ndb_struct_na_base_pair_step.shift 
_ndb_struct_na_base_pair_step.slide 
_ndb_struct_na_base_pair_step.rise 
_ndb_struct_na_base_pair_step.tilt 
_ndb_struct_na_base_pair_step.roll 
_ndb_struct_na_base_pair_step.twist 
_ndb_struct_na_base_pair_step.x_displacement 
_ndb_struct_na_base_pair_step.y_displacement 
_ndb_struct_na_base_pair_step.helical_rise 
_ndb_struct_na_base_pair_step.inclination 
_ndb_struct_na_base_pair_step.tip 
_ndb_struct_na_base_pair_step.helical_twist 
_ndb_struct_na_base_pair_step.step_number 
_ndb_struct_na_base_pair_step.step_name 
_ndb_struct_na_base_pair_step.i_auth_asym_id_1 
_ndb_struct_na_base_pair_step.i_auth_seq_id_1 
_ndb_struct_na_base_pair_step.i_PDB_ins_code_1 
_ndb_struct_na_base_pair_step.j_auth_asym_id_1 
_ndb_struct_na_base_pair_step.j_auth_seq_id_1 
_ndb_struct_na_base_pair_step.j_PDB_ins_code_1 
_ndb_struct_na_base_pair_step.i_auth_asym_id_2 
_ndb_struct_na_base_pair_step.i_auth_seq_id_2 
_ndb_struct_na_base_pair_step.i_PDB_ins_code_2 
_ndb_struct_na_base_pair_step.j_auth_asym_id_2 
_ndb_struct_na_base_pair_step.j_auth_seq_id_2 
_ndb_struct_na_base_pair_step.j_PDB_ins_code_2 
1 A DC 1 1_555 B DG 10 1_555 A DC 2  1_555 B DG 9 1_555 0.243  0.148  3.732 -1.090 12.940 35.662 -1.683 -0.535 3.563 20.317 1.711  
37.881 1 AA_DC1DC2:DG19DG20_BB  A 1 ? B 20 ? A 2  ? B 19 ? 
1 A DC 2 1_555 B DG 9  1_555 A DA 3  1_555 B DT 8 1_555 -0.029 1.057  3.175 0.585  1.625  40.445 1.350  0.106  3.213 2.350  -0.846 
40.481 2 AA_DC2DA3:DT18DG19_BB  A 2 ? B 19 ? A 3  ? B 18 ? 
1 A DA 3 1_555 B DT 8  1_555 A DG 4  1_555 B DC 7 1_555 -0.853 0.383  3.161 -4.572 13.051 28.821 -1.711 0.708  3.135 24.517 8.589  
31.904 3 AA_DA3DG4:DC17DT18_BB  A 3 ? B 18 ? A 4  ? B 17 ? 
1 A DG 4 1_555 B DC 7  1_555 A DT 5  1_555 B DA 6 1_555 -1.075 0.303  3.230 -2.013 -0.075 34.536 0.521  1.499  3.285 -0.126 3.387  
34.593 4 AA_DG4DT5:DA16DC17_BB  A 4 ? B 17 ? A 5  ? B 16 ? 
1 A DT 5 1_555 B DA 6  1_555 A DA 6  1_555 B DT 5 1_555 0.168  -0.037 3.014 -4.737 1.516  35.588 -0.258 -0.894 2.964 2.466  7.703  
35.923 5 AA_DT5DA6:DT15DA16_BB  A 5 ? B 16 ? A 6  ? B 15 ? 
1 A DA 6 1_555 B DT 5  1_555 A DC 7  1_555 B DG 4 1_555 0.992  0.583  3.685 4.800  -0.494 38.862 0.939  -0.822 3.769 -0.739 -7.181 
39.149 6 AA_DA6DC7:DG14DT15_BB  A 6 ? B 15 ? A 7  ? B 14 ? 
1 A DC 7 1_555 B DG 4  1_555 A DT 8  1_555 B DA 3 1_555 0.420  -0.274 3.516 4.413  11.837 30.125 -2.694 0.074  3.213 21.618 -8.059 
32.610 7 AA_DC7DT8:DA13DG14_BB  A 7 ? B 14 ? A 8  ? B 13 ? 
1 A DT 8 1_555 B DA 3  1_555 A DG 9  1_555 B DC 2 1_555 0.453  2.465  3.376 -2.046 -0.146 45.352 3.207  -0.773 3.346 -0.189 2.652  
45.396 8 AA_DT8DG9:DC12DA13_BB  A 8 ? B 13 ? A 9  ? B 12 ? 
1 A DG 9 1_555 B DC 2  1_555 A DG 10 1_555 B DC 1 1_555 0.273  0.556  2.959 -2.588 9.881  30.400 -0.649 -0.928 2.958 18.209 4.769  
32.032 9 AA_DG9DG10:DC11DC12_BB A 9 ? B 12 ? A 10 ? B 11 ? 
# 
_atom_sites.entry_id                    407D 
_atom_sites.fract_transf_matrix[1][1]   0.00454990 
_atom_sites.fract_transf_matrix[1][2]   -0.01047766 
_atom_sites.fract_transf_matrix[1][3]   0.01542741 
_atom_sites.fract_transf_matrix[2][1]   -0.00479039 
_atom_sites.fract_transf_matrix[2][2]   -0.02746199 
_atom_sites.fract_transf_matrix[2][3]   -0.01723825 
_atom_sites.fract_transf_matrix[3][1]   0.02572294 
_atom_sites.fract_transf_matrix[3][2]   -0.00734176 
_atom_sites.fract_transf_matrix[3][3]   0.00454782 
_atom_sites.fract_transf_vector[1]      0.322399 
_atom_sites.fract_transf_vector[2]      -0.032510 
_atom_sites.fract_transf_vector[3]      0.283238 
# 
loop_
_atom_type.symbol 
C 
N 
O 
P 
# 
loop_
_atom_site.group_PDB 
_atom_site.id 
_atom_site.type_symbol 
_atom_site.label_atom_id 
_atom_site.label_alt_id 
_atom_site.label_comp_id 
_atom_site.label_asym_id 
_atom_site.label_entity_id 
_atom_site.label_seq_id 
_atom_site.pdbx_PDB_ins_code 
_atom_site.Cartn_x 
_atom_site.Cartn_y 
_atom_site.Cartn_z 
_atom_site.occupancy 
_atom_site.B_iso_or_equiv 
_atom_site.pdbx_formal_charge 
_atom_site.auth_seq_id 
_atom_site.auth_comp_id 
_atom_site.auth_asym_id 
_atom_site.auth_atom_id 
_atom_site.pdbx_PDB_model_num 
ATOM   1   O "O5'" . DC  A 1 1  ? -5.141  1.294   -16.677 1.00 96.42 ? 1   DC  A "O5'" 1 
ATOM   2   C "C5'" . DC  A 1 1  ? -5.738  0.269   -17.471 1.00 84.96 ? 1   DC  A "C5'" 1 
ATOM   3   C "C4'" . DC  A 1 1  ? -5.249  -1.124  -17.136 1.00 94.04 ? 1   DC  A "C4'" 1 
ATOM   4   O "O4'" . DC  A 1 1  ? -3.807  -1.169  -17.233 1.00 92.83 ? 1   DC  A "O4'" 1 
ATOM   5   C "C3'" . DC  A 1 1  ? -5.608  -1.620  -15.740 1.00 65.71 ? 1   DC  A "C3'" 1 
ATOM   6   O "O3'" . DC  A 1 1  ? -6.017  -2.984  -15.743 1.00 71.57 ? 1   DC  A "O3'" 1 
ATOM   7   C "C2'" . DC  A 1 1  ? -4.317  -1.508  -14.958 1.00 91.11 ? 1   DC  A "C2'" 1 
ATOM   8   C "C1'" . DC  A 1 1  ? -3.220  -1.547  -16.005 1.00 88.15 ? 1   DC  A "C1'" 1 
ATOM   9   N N1    . DC  A 1 1  ? -2.239  -0.532  -15.672 1.00 87.10 ? 1   DC  A N1    1 
ATOM   10  C C2    . DC  A 1 1  ? -0.885  -0.828  -15.720 1.00 86.86 ? 1   DC  A C2    1 
ATOM   11  O O2    . DC  A 1 1  ? -0.524  -1.948  -16.113 1.00 87.44 ? 1   DC  A O2    1 
ATOM   12  N N3    . DC  A 1 1  ? -0.008  0.118   -15.328 1.00 96.09 ? 1   DC  A N3    1 
ATOM   13  C C4    . DC  A 1 1  ? -0.450  1.309   -14.914 1.00 40.62 ? 1   DC  A C4    1 
ATOM   14  N N4    . DC  A 1 1  ? 0.445   2.203   -14.512 1.00 71.32 ? 1   DC  A N4    1 
ATOM   15  C C5    . DC  A 1 1  ? -1.825  1.629   -14.894 1.00 71.86 ? 1   DC  A C5    1 
ATOM   16  C C6    . DC  A 1 1  ? -2.670  0.702   -15.289 1.00 63.22 ? 1   DC  A C6    1 
ATOM   17  P P     . DC  A 1 2  ? -6.151  -3.747  -14.339 1.00 87.04 ? 2   DC  A P     1 
ATOM   18  O OP1   . DC  A 1 2  ? -6.902  -5.003  -14.476 1.00 89.82 ? 2   DC  A OP1   1 
ATOM   19  O OP2   . DC  A 1 2  ? -6.625  -2.695  -13.407 1.00 80.46 ? 2   DC  A OP2   1 
ATOM   20  O "O5'" . DC  A 1 2  ? -4.654  -4.153  -13.981 1.00 93.98 ? 2   DC  A "O5'" 1 
ATOM   21  C "C5'" . DC  A 1 2  ? -4.089  -5.337  -14.537 1.00 86.04 ? 2   DC  A "C5'" 1 
ATOM   22  C "C4'" . DC  A 1 2  ? -2.967  -5.855  -13.665 1.00 90.61 ? 2   DC  A "C4'" 1 
ATOM   23  O "O4'" . DC  A 1 2  ? -1.928  -4.866  -13.505 1.00 67.20 ? 2   DC  A "O4'" 1 
ATOM   24  C "C3'" . DC  A 1 2  ? -3.308  -6.367  -12.266 1.00 65.18 ? 2   DC  A "C3'" 1 
ATOM   25  O "O3'" . DC  A 1 2  ? -2.624  -7.637  -12.144 1.00 80.57 ? 2   DC  A "O3'" 1 
ATOM   26  C "C2'" . DC  A 1 2  ? -2.801  -5.257  -11.350 1.00 50.21 ? 2   DC  A "C2'" 1 
ATOM   27  C "C1'" . DC  A 1 2  ? -1.632  -4.663  -12.133 1.00 68.37 ? 2   DC  A "C1'" 1 
ATOM   28  N N1    . DC  A 1 2  ? -1.406  -3.217  -11.971 1.00 45.00 ? 2   DC  A N1    1 
ATOM   29  C C2    . DC  A 1 2  ? -0.128  -2.744  -11.655 1.00 42.52 ? 2   DC  A C2    1 
ATOM   30  O O2    . DC  A 1 2  ? 0.797   -3.557  -11.475 1.00 53.36 ? 2   DC  A O2    1 
ATOM   31  N N3    . DC  A 1 2  ? 0.074   -1.406  -11.576 1.00 58.81 ? 2   DC  A N3    1 
ATOM   32  C C4    . DC  A 1 2  ? -0.933  -0.561  -11.814 1.00 43.73 ? 2   DC  A C4    1 
ATOM   33  N N4    . DC  A 1 2  ? -0.689  0.758   -11.766 1.00 50.28 ? 2   DC  A N4    1 
ATOM   34  C C5    . DC  A 1 2  ? -2.235  -1.024  -12.119 1.00 57.55 ? 2   DC  A C5    1 
ATOM   35  C C6    . DC  A 1 2  ? -2.428  -2.345  -12.171 1.00 55.60 ? 2   DC  A C6    1 
ATOM   36  P P     . DA  A 1 3  ? -2.150  -8.202  -10.710 1.00 68.90 ? 3   DA  A P     1 
ATOM   37  O OP1   . DA  A 1 3  ? -1.779  -9.628  -10.871 1.00 70.00 ? 3   DA  A OP1   1 
ATOM   38  O OP2   . DA  A 1 3  ? -3.096  -7.817  -9.649  1.00 68.09 ? 3   DA  A OP2   1 
ATOM   39  O "O5'" . DA  A 1 3  ? -0.790  -7.437  -10.423 1.00 65.98 ? 3   DA  A "O5'" 1 
ATOM   40  C "C5'" . DA  A 1 3  ? 0.468   -8.095  -10.556 1.00 87.02 ? 3   DA  A "C5'" 1 
ATOM   41  C "C4'" . DA  A 1 3  ? 1.438   -7.588  -9.512  1.00 76.51 ? 3   DA  A "C4'" 1 
ATOM   42  O "O4'" . DA  A 1 3  ? 1.409   -6.143  -9.394  1.00 70.42 ? 3   DA  A "O4'" 1 
ATOM   43  C "C3'" . DA  A 1 3  ? 1.248   -8.094  -8.089  1.00 88.46 ? 3   DA  A "C3'" 1 
ATOM   44  O "O3'" . DA  A 1 3  ? 2.552   -8.137  -7.556  1.00 73.21 ? 3   DA  A "O3'" 1 
ATOM   45  C "C2'" . DA  A 1 3  ? 0.476   -6.972  -7.413  1.00 53.86 ? 3   DA  A "C2'" 1 
ATOM   46  C "C1'" . DA  A 1 3  ? 1.110   -5.762  -8.053  1.00 59.53 ? 3   DA  A "C1'" 1 
ATOM   47  N N9    . DA  A 1 3  ? 0.268   -4.571  -8.112  1.00 68.83 ? 3   DA  A N9    1 
ATOM   48  C C8    . DA  A 1 3  ? -1.107  -4.447  -8.163  1.00 59.25 ? 3   DA  A C8    1 
ATOM   49  N N7    . DA  A 1 3  ? -1.517  -3.199  -8.240  1.00 57.31 ? 3   DA  A N7    1 
ATOM   50  C C5    . DA  A 1 3  ? -0.339  -2.456  -8.236  1.00 38.57 ? 3   DA  A C5    1 
ATOM   51  C C6    . DA  A 1 3  ? -0.079  -1.070  -8.271  1.00 47.50 ? 3   DA  A C6    1 
ATOM   52  N N6    . DA  A 1 3  ? -1.013  -0.141  -8.418  1.00 37.25 ? 3   DA  A N6    1 
ATOM   53  N N1    . DA  A 1 3  ? 1.203   -0.665  -8.168  1.00 50.68 ? 3   DA  A N1    1 
ATOM   54  C C2    . DA  A 1 3  ? 2.165   -1.596  -8.093  1.00 70.23 ? 3   DA  A C2    1 
ATOM   55  N N3    . DA  A 1 3  ? 2.053   -2.925  -8.090  1.00 47.16 ? 3   DA  A N3    1 
ATOM   56  C C4    . DA  A 1 3  ? 0.761   -3.291  -8.147  1.00 53.26 ? 3   DA  A C4    1 
ATOM   57  P P     . DG  A 1 4  ? 2.841   -8.984  -6.242  1.00 96.78 ? 4   DG  A P     1 
ATOM   58  O OP1   . DG  A 1 4  ? 3.842   -9.985  -6.690  1.00 98.05 ? 4   DG  A OP1   1 
ATOM   59  O OP2   . DG  A 1 4  ? 1.561   -9.421  -5.597  1.00 61.50 ? 4   DG  A OP2   1 
ATOM   60  O "O5'" . DG  A 1 4  ? 3.585   -7.950  -5.294  1.00 66.63 ? 4   DG  A "O5'" 1 
ATOM   61  C "C5'" . DG  A 1 4  ? 4.819   -7.414  -5.690  1.00 59.62 ? 4   DG  A "C5'" 1 
ATOM   62  C "C4'" . DG  A 1 4  ? 5.334   -6.489  -4.617  1.00 67.88 ? 4   DG  A "C4'" 1 
ATOM   63  O "O4'" . DG  A 1 4  ? 4.628   -5.226  -4.694  1.00 65.11 ? 4   DG  A "O4'" 1 
ATOM   64  C "C3'" . DG  A 1 4  ? 5.131   -7.029  -3.211  1.00 72.27 ? 4   DG  A "C3'" 1 
ATOM   65  O "O3'" . DG  A 1 4  ? 6.317   -6.769  -2.439  1.00 60.80 ? 4   DG  A "O3'" 1 
ATOM   66  C "C2'" . DG  A 1 4  ? 3.897   -6.276  -2.741  1.00 63.04 ? 4   DG  A "C2'" 1 
ATOM   67  C "C1'" . DG  A 1 4  ? 3.963   -4.927  -3.475  1.00 65.63 ? 4   DG  A "C1'" 1 
ATOM   68  N N9    . DG  A 1 4  ? 2.679   -4.269  -3.822  1.00 75.50 ? 4   DG  A N9    1 
ATOM   69  C C8    . DG  A 1 4  ? 1.479   -4.879  -4.170  1.00 39.86 ? 4   DG  A C8    1 
ATOM   70  N N7    . DG  A 1 4  ? 0.554   -4.028  -4.537  1.00 41.58 ? 4   DG  A N7    1 
ATOM   71  C C5    . DG  A 1 4  ? 1.172   -2.782  -4.416  1.00 52.66 ? 4   DG  A C5    1 
ATOM   72  C C6    . DG  A 1 4  ? 0.696   -1.483  -4.701  1.00 29.68 ? 4   DG  A C6    1 
ATOM   73  O O6    . DG  A 1 4  ? -0.372  -1.149  -5.221  1.00 67.28 ? 4   DG  A O6    1 
ATOM   74  N N1    . DG  A 1 4  ? 1.627   -0.501  -4.362  1.00 59.45 ? 4   DG  A N1    1 
ATOM   75  C C2    . DG  A 1 4  ? 2.859   -0.729  -3.850  1.00 22.77 ? 4   DG  A C2    1 
ATOM   76  N N2    . DG  A 1 4  ? 3.579   0.342   -3.532  1.00 51.06 ? 4   DG  A N2    1 
ATOM   77  N N3    . DG  A 1 4  ? 3.350   -1.921  -3.658  1.00 64.32 ? 4   DG  A N3    1 
ATOM   78  C C4    . DG  A 1 4  ? 2.465   -2.901  -3.937  1.00 47.27 ? 4   DG  A C4    1 
ATOM   79  P P     . DT  A 1 5  ? 6.411   -7.253  -0.910  1.00 57.09 ? 5   DT  A P     1 
ATOM   80  O OP1   . DT  A 1 5  ? 7.642   -8.068  -0.812  1.00 70.68 ? 5   DT  A OP1   1 
ATOM   81  O OP2   . DT  A 1 5  ? 5.118   -7.813  -0.434  1.00 54.60 ? 5   DT  A OP2   1 
ATOM   82  O "O5'" . DT  A 1 5  ? 6.681   -5.882  -0.156  1.00 59.04 ? 5   DT  A "O5'" 1 
ATOM   83  C "C5'" . DT  A 1 5  ? 7.649   -4.976  -0.678  1.00 41.81 ? 5   DT  A "C5'" 1 
ATOM   84  C "C4'" . DT  A 1 5  ? 7.471   -3.622  -0.042  1.00 53.46 ? 5   DT  A "C4'" 1 
ATOM   85  O "O4'" . DT  A 1 5  ? 6.248   -3.005  -0.536  1.00 42.32 ? 5   DT  A "O4'" 1 
ATOM   86  C "C3'" . DT  A 1 5  ? 7.320   -3.731  1.474   1.00 44.02 ? 5   DT  A "C3'" 1 
ATOM   87  O "O3'" . DT  A 1 5  ? 8.208   -2.799  2.093   1.00 63.41 ? 5   DT  A "O3'" 1 
ATOM   88  C "C2'" . DT  A 1 5  ? 5.849   -3.412  1.725   1.00 47.82 ? 5   DT  A "C2'" 1 
ATOM   89  C "C1'" . DT  A 1 5  ? 5.469   -2.520  0.542   1.00 37.86 ? 5   DT  A "C1'" 1 
ATOM   90  N N1    . DT  A 1 5  ? 4.034   -2.572  0.130   1.00 38.13 ? 5   DT  A N1    1 
ATOM   91  C C2    . DT  A 1 5  ? 3.368   -1.392  -0.218  1.00 54.03 ? 5   DT  A C2    1 
ATOM   92  O O2    . DT  A 1 5  ? 3.881   -0.275  -0.192  1.00 51.53 ? 5   DT  A O2    1 
ATOM   93  N N3    . DT  A 1 5  ? 2.051   -1.577  -0.596  1.00 56.46 ? 5   DT  A N3    1 
ATOM   94  C C4    . DT  A 1 5  ? 1.346   -2.761  -0.648  1.00 46.60 ? 5   DT  A C4    1 
ATOM   95  O O4    . DT  A 1 5  ? 0.155   -2.756  -0.960  1.00 64.09 ? 5   DT  A O4    1 
ATOM   96  C C5    . DT  A 1 5  ? 2.097   -3.936  -0.299  1.00 34.78 ? 5   DT  A C5    1 
ATOM   97  C C7    . DT  A 1 5  ? 1.420   -5.272  -0.405  1.00 26.87 ? 5   DT  A C7    1 
ATOM   98  C C6    . DT  A 1 5  ? 3.377   -3.791  0.091   1.00 53.10 ? 5   DT  A C6    1 
ATOM   99  P P     . DA  A 1 6  ? 8.284   -2.695  3.703   1.00 42.78 ? 6   DA  A P     1 
ATOM   100 O OP1   . DA  A 1 6  ? 9.742   -2.628  3.950   1.00 55.45 ? 6   DA  A OP1   1 
ATOM   101 O OP2   . DA  A 1 6  ? 7.473   -3.727  4.388   1.00 45.39 ? 6   DA  A OP2   1 
ATOM   102 O "O5'" . DA  A 1 6  ? 7.674   -1.268  3.983   1.00 51.17 ? 6   DA  A "O5'" 1 
ATOM   103 C "C5'" . DA  A 1 6  ? 8.030   -0.135  3.182   1.00 40.92 ? 6   DA  A "C5'" 1 
ATOM   104 C "C4'" . DA  A 1 6  ? 7.062   1.012   3.352   1.00 40.37 ? 6   DA  A "C4'" 1 
ATOM   105 O "O4'" . DA  A 1 6  ? 5.769   0.633   2.830   1.00 38.22 ? 6   DA  A "O4'" 1 
ATOM   106 C "C3'" . DA  A 1 6  ? 6.831   1.347   4.835   1.00 47.40 ? 6   DA  A "C3'" 1 
ATOM   107 O "O3'" . DA  A 1 6  ? 6.886   2.750   5.005   1.00 67.05 ? 6   DA  A "O3'" 1 
ATOM   108 C "C2'" . DA  A 1 6  ? 5.432   0.815   5.125   1.00 46.87 ? 6   DA  A "C2'" 1 
ATOM   109 C "C1'" . DA  A 1 6  ? 4.753   0.904   3.761   1.00 48.77 ? 6   DA  A "C1'" 1 
ATOM   110 N N9    . DA  A 1 6  ? 3.643   -0.031  3.548   1.00 43.30 ? 6   DA  A N9    1 
ATOM   111 C C8    . DA  A 1 6  ? 3.637   -1.392  3.752   1.00 39.96 ? 6   DA  A C8    1 
ATOM   112 N N7    . DA  A 1 6  ? 2.501   -1.970  3.413   1.00 40.63 ? 6   DA  A N7    1 
ATOM   113 C C5    . DA  A 1 6  ? 1.707   -0.896  2.988   1.00 46.42 ? 6   DA  A C5    1 
ATOM   114 C C6    . DA  A 1 6  ? 0.397   -0.847  2.474   1.00 35.91 ? 6   DA  A C6    1 
ATOM   115 N N6    . DA  A 1 6  ? -0.371  -1.916  2.236   1.00 31.20 ? 6   DA  A N6    1 
ATOM   116 N N1    . DA  A 1 6  ? -0.106  0.359   2.178   1.00 36.57 ? 6   DA  A N1    1 
ATOM   117 C C2    . DA  A 1 6  ? 0.680   1.429   2.323   1.00 31.40 ? 6   DA  A C2    1 
ATOM   118 N N3    . DA  A 1 6  ? 1.932   1.509   2.729   1.00 46.73 ? 6   DA  A N3    1 
ATOM   119 C C4    . DA  A 1 6  ? 2.390   0.290   3.066   1.00 40.85 ? 6   DA  A C4    1 
ATOM   120 P P     . DC  A 1 7  ? 7.275   3.341   6.440   1.00 71.43 ? 7   DC  A P     1 
ATOM   121 O OP1   . DC  A 1 7  ? 8.338   4.325   6.184   1.00 73.78 ? 7   DC  A OP1   1 
ATOM   122 O OP2   . DC  A 1 7  ? 7.511   2.259   7.472   1.00 66.78 ? 7   DC  A OP2   1 
ATOM   123 O "O5'" . DC  A 1 7  ? 5.947   4.126   6.797   1.00 78.75 ? 7   DC  A "O5'" 1 
ATOM   124 C "C5'" . DC  A 1 7  ? 5.270   4.825   5.760   1.00 51.43 ? 7   DC  A "C5'" 1 
ATOM   125 C "C4'" . DC  A 1 7  ? 3.805   4.993   6.096   1.00 46.99 ? 7   DC  A "C4'" 1 
ATOM   126 O "O4'" . DC  A 1 7  ? 3.037   3.851   5.683   1.00 55.45 ? 7   DC  A "O4'" 1 
ATOM   127 C "C3'" . DC  A 1 7  ? 3.424   5.272   7.548   1.00 54.86 ? 7   DC  A "C3'" 1 
ATOM   128 O "O3'" . DC  A 1 7  ? 2.553   6.432   7.580   1.00 83.56 ? 7   DC  A "O3'" 1 
ATOM   129 C "C2'" . DC  A 1 7  ? 2.680   4.004   7.954   1.00 39.52 ? 7   DC  A "C2'" 1 
ATOM   130 C "C1'" . DC  A 1 7  ? 2.064   3.571   6.650   1.00 41.04 ? 7   DC  A "C1'" 1 
ATOM   131 N N1    . DC  A 1 7  ? 1.774   2.132   6.562   1.00 38.75 ? 7   DC  A N1    1 
ATOM   132 C C2    . DC  A 1 7  ? 0.550   1.716   6.005   1.00 60.71 ? 7   DC  A C2    1 
ATOM   133 O O2    . DC  A 1 7  ? -0.209  2.559   5.506   1.00 61.20 ? 7   DC  A O2    1 
ATOM   134 N N3    . DC  A 1 7  ? 0.259   0.409   5.975   1.00 38.86 ? 7   DC  A N3    1 
ATOM   135 C C4    . DC  A 1 7  ? 1.163   -0.487  6.367   1.00 46.42 ? 7   DC  A C4    1 
ATOM   136 N N4    . DC  A 1 7  ? 0.852   -1.739  6.238   1.00 48.04 ? 7   DC  A N4    1 
ATOM   137 C C5    . DC  A 1 7  ? 2.427   -0.111  6.892   1.00 38.06 ? 7   DC  A C5    1 
ATOM   138 C C6    . DC  A 1 7  ? 2.685   1.206   6.997   1.00 60.92 ? 7   DC  A C6    1 
ATOM   139 P P     . DT  A 1 8  ? 2.089   7.046   8.973   1.00 70.63 ? 8   DT  A P     1 
ATOM   140 O OP1   . DT  A 1 8  ? 1.905   8.479   8.634   1.00 86.87 ? 8   DT  A OP1   1 
ATOM   141 O OP2   . DT  A 1 8  ? 3.002   6.643   10.073  1.00 74.02 ? 8   DT  A OP2   1 
ATOM   142 O "O5'" . DT  A 1 8  ? 0.690   6.324   9.243   1.00 60.34 ? 8   DT  A "O5'" 1 
ATOM   143 C "C5'" . DT  A 1 8  ? -0.403  6.492   8.338   1.00 72.07 ? 8   DT  A "C5'" 1 
ATOM   144 C "C4'" . DT  A 1 8  ? -1.598  5.696   8.815   1.00 61.67 ? 8   DT  A "C4'" 1 
ATOM   145 O "O4'" . DT  A 1 8  ? -1.435  4.278   8.560   1.00 46.95 ? 8   DT  A "O4'" 1 
ATOM   146 C "C3'" . DT  A 1 8  ? -1.892  5.818   10.308  1.00 68.98 ? 8   DT  A "C3'" 1 
ATOM   147 O "O3'" . DT  A 1 8  ? -3.290  6.050   10.500  1.00 87.37 ? 8   DT  A "O3'" 1 
ATOM   148 C "C2'" . DT  A 1 8  ? -1.536  4.447   10.850  1.00 68.82 ? 8   DT  A "C2'" 1 
ATOM   149 C "C1'" . DT  A 1 8  ? -1.907  3.585   9.681   1.00 43.65 ? 8   DT  A "C1'" 1 
ATOM   150 N N1    . DT  A 1 8  ? -1.337  2.262   9.662   1.00 41.93 ? 8   DT  A N1    1 
ATOM   151 C C2    . DT  A 1 8  ? -2.122  1.269   9.139   1.00 52.56 ? 8   DT  A C2    1 
ATOM   152 O O2    . DT  A 1 8  ? -3.235  1.476   8.735   1.00 54.88 ? 8   DT  A O2    1 
ATOM   153 N N3    . DT  A 1 8  ? -1.558  0.026   9.118   1.00 45.25 ? 8   DT  A N3    1 
ATOM   154 C C4    . DT  A 1 8  ? -0.302  -0.312  9.563   1.00 64.49 ? 8   DT  A C4    1 
ATOM   155 O O4    . DT  A 1 8  ? 0.092   -1.462  9.457   1.00 44.61 ? 8   DT  A O4    1 
ATOM   156 C C5    . DT  A 1 8  ? 0.466   0.781   10.124  1.00 47.01 ? 8   DT  A C5    1 
ATOM   157 C C7    . DT  A 1 8  ? 1.830   0.498   10.661  1.00 52.71 ? 8   DT  A C7    1 
ATOM   158 C C6    . DT  A 1 8  ? -0.079  2.005   10.138  1.00 54.86 ? 8   DT  A C6    1 
ATOM   159 P P     . DG  A 1 9  ? -3.788  7.320   11.320  1.00 62.52 ? 9   DG  A P     1 
ATOM   160 O OP1   . DG  A 1 9  ? -3.384  8.481   10.496  1.00 57.75 ? 9   DG  A OP1   1 
ATOM   161 O OP2   . DG  A 1 9  ? -3.277  7.165   12.695  1.00 68.60 ? 9   DG  A OP2   1 
ATOM   162 O "O5'" . DG  A 1 9  ? -5.366  7.138   11.320  1.00 53.39 ? 9   DG  A "O5'" 1 
ATOM   163 C "C5'" . DG  A 1 9  ? -6.065  6.954   10.094  1.00 64.88 ? 9   DG  A "C5'" 1 
ATOM   164 C "C4'" . DG  A 1 9  ? -7.183  5.956   10.276  1.00 53.39 ? 9   DG  A "C4'" 1 
ATOM   165 O "O4'" . DG  A 1 9  ? -6.684  4.612   10.409  1.00 56.31 ? 9   DG  A "O4'" 1 
ATOM   166 C "C3'" . DG  A 1 9  ? -8.062  6.185   11.493  1.00 77.25 ? 9   DG  A "C3'" 1 
ATOM   167 O "O3'" . DG  A 1 9  ? -9.399  5.829   11.175  1.00 71.12 ? 9   DG  A "O3'" 1 
ATOM   168 C "C2'" . DG  A 1 9  ? -7.484  5.244   12.535  1.00 65.07 ? 9   DG  A "C2'" 1 
ATOM   169 C "C1'" . DG  A 1 9  ? -6.939  4.098   11.705  1.00 47.66 ? 9   DG  A "C1'" 1 
ATOM   170 N N9    . DG  A 1 9  ? -5.667  3.594   12.186  1.00 57.96 ? 9   DG  A N9    1 
ATOM   171 C C8    . DG  A 1 9  ? -4.667  4.321   12.776  1.00 53.07 ? 9   DG  A C8    1 
ATOM   172 N N7    . DG  A 1 9  ? -3.601  3.611   13.032  1.00 59.84 ? 9   DG  A N7    1 
ATOM   173 C C5    . DG  A 1 9  ? -3.927  2.337   12.599  1.00 53.79 ? 9   DG  A C5    1 
ATOM   174 C C6    . DG  A 1 9  ? -3.156  1.134   12.600  1.00 40.39 ? 9   DG  A C6    1 
ATOM   175 O O6    . DG  A 1 9  ? -1.987  0.963   12.957  1.00 64.35 ? 9   DG  A O6    1 
ATOM   176 N N1    . DG  A 1 9  ? -3.883  0.066   12.104  1.00 44.49 ? 9   DG  A N1    1 
ATOM   177 C C2    . DG  A 1 9  ? -5.174  0.138   11.638  1.00 52.60 ? 9   DG  A C2    1 
ATOM   178 N N2    . DG  A 1 9  ? -5.701  -1.018  11.238  1.00 52.03 ? 9   DG  A N2    1 
ATOM   179 N N3    . DG  A 1 9  ? -5.895  1.258   11.587  1.00 57.54 ? 9   DG  A N3    1 
ATOM   180 C C4    . DG  A 1 9  ? -5.213  2.309   12.092  1.00 38.21 ? 9   DG  A C4    1 
ATOM   181 P P     . DG  A 1 10 ? -10.542 6.145   12.229  1.00 80.36 ? 10  DG  A P     1 
ATOM   182 O OP1   . DG  A 1 10 ? -11.667 6.791   11.544  1.00 85.72 ? 10  DG  A OP1   1 
ATOM   183 O OP2   . DG  A 1 10 ? -9.828  6.855   13.318  1.00 73.24 ? 10  DG  A OP2   1 
ATOM   184 O "O5'" . DG  A 1 10 ? -10.989 4.700   12.705  1.00 72.14 ? 10  DG  A "O5'" 1 
ATOM   185 C "C5'" . DG  A 1 10 ? -10.017 3.685   12.824  1.00 97.18 ? 10  DG  A "C5'" 1 
ATOM   186 C "C4'" . DG  A 1 10 ? -10.568 2.504   13.576  1.00 98.91 ? 10  DG  A "C4'" 1 
ATOM   187 O "O4'" . DG  A 1 10 ? -9.407  1.704   13.905  1.00 96.28 ? 10  DG  A "O4'" 1 
ATOM   188 C "C3'" . DG  A 1 10 ? -11.184 2.878   14.918  1.00 97.05 ? 10  DG  A "C3'" 1 
ATOM   189 O "O3'" . DG  A 1 10 ? -12.083 1.832   15.345  1.00 83.58 ? 10  DG  A "O3'" 1 
ATOM   190 C "C2'" . DG  A 1 10 ? -9.959  2.993   15.804  1.00 91.17 ? 10  DG  A "C2'" 1 
ATOM   191 C "C1'" . DG  A 1 10 ? -9.078  1.867   15.277  1.00 95.49 ? 10  DG  A "C1'" 1 
ATOM   192 N N9    . DG  A 1 10 ? -7.648  2.129   15.406  1.00 87.30 ? 10  DG  A N9    1 
ATOM   193 C C8    . DG  A 1 10 ? -7.077  3.329   15.741  1.00 91.87 ? 10  DG  A C8    1 
ATOM   194 N N7    . DG  A 1 10 ? -5.781  3.258   15.924  1.00 92.87 ? 10  DG  A N7    1 
ATOM   195 C C5    . DG  A 1 10 ? -5.459  1.930   15.667  1.00 63.61 ? 10  DG  A C5    1 
ATOM   196 C C6    . DG  A 1 10 ? -4.202  1.266   15.730  1.00 65.05 ? 10  DG  A C6    1 
ATOM   197 O O6    . DG  A 1 10 ? -3.121  1.721   16.101  1.00 67.38 ? 10  DG  A O6    1 
ATOM   198 N N1    . DG  A 1 10 ? -4.305  -0.070  15.324  1.00 51.04 ? 10  DG  A N1    1 
ATOM   199 C C2    . DG  A 1 10 ? -5.475  -0.693  14.954  1.00 56.54 ? 10  DG  A C2    1 
ATOM   200 N N2    . DG  A 1 10 ? -5.371  -1.975  14.562  1.00 50.69 ? 10  DG  A N2    1 
ATOM   201 N N3    . DG  A 1 10 ? -6.660  -0.097  14.952  1.00 69.03 ? 10  DG  A N3    1 
ATOM   202 C C4    . DG  A 1 10 ? -6.580  1.217   15.306  1.00 81.10 ? 10  DG  A C4    1 
ATOM   203 O "O5'" . DC  B 1 1  ? 0.281   -9.044  17.867  1.00 84.64 ? 11  DC  B "O5'" 1 
ATOM   204 C "C5'" . DC  B 1 1  ? 0.200   -7.820  17.179  1.00 57.28 ? 11  DC  B "C5'" 1 
ATOM   205 C "C4'" . DC  B 1 1  ? -1.212  -7.633  16.696  1.00 61.68 ? 11  DC  B "C4'" 1 
ATOM   206 O "O4'" . DC  B 1 1  ? -1.625  -6.254  16.854  1.00 49.79 ? 11  DC  B "O4'" 1 
ATOM   207 C "C3'" . DC  B 1 1  ? -1.391  -7.982  15.218  1.00 69.46 ? 11  DC  B "C3'" 1 
ATOM   208 O "O3'" . DC  B 1 1  ? -2.574  -8.782  15.056  1.00 53.66 ? 11  DC  B "O3'" 1 
ATOM   209 C "C2'" . DC  B 1 1  ? -1.522  -6.632  14.537  1.00 47.36 ? 11  DC  B "C2'" 1 
ATOM   210 C "C1'" . DC  B 1 1  ? -2.142  -5.769  15.623  1.00 56.31 ? 11  DC  B "C1'" 1 
ATOM   211 N N1    . DC  B 1 1  ? -1.806  -4.346  15.520  1.00 52.98 ? 11  DC  B N1    1 
ATOM   212 C C2    . DC  B 1 1  ? -2.826  -3.428  15.195  1.00 47.19 ? 11  DC  B C2    1 
ATOM   213 O O2    . DC  B 1 1  ? -3.963  -3.868  14.951  1.00 34.03 ? 11  DC  B O2    1 
ATOM   214 N N3    . DC  B 1 1  ? -2.523  -2.095  15.143  1.00 38.14 ? 11  DC  B N3    1 
ATOM   215 C C4    . DC  B 1 1  ? -1.254  -1.691  15.350  1.00 45.10 ? 11  DC  B C4    1 
ATOM   216 N N4    . DC  B 1 1  ? -0.971  -0.383  15.258  1.00 55.85 ? 11  DC  B N4    1 
ATOM   217 C C5    . DC  B 1 1  ? -0.207  -2.613  15.651  1.00 51.26 ? 11  DC  B C5    1 
ATOM   218 C C6    . DC  B 1 1  ? -0.523  -3.914  15.734  1.00 47.52 ? 11  DC  B C6    1 
ATOM   219 P P     . DC  B 1 2  ? -2.791  -9.639  13.713  1.00 64.99 ? 12  DC  B P     1 
ATOM   220 O OP1   . DC  B 1 2  ? -3.910  -10.554 14.083  1.00 54.34 ? 12  DC  B OP1   1 
ATOM   221 O OP2   . DC  B 1 2  ? -1.502  -10.186 13.203  1.00 72.28 ? 12  DC  B OP2   1 
ATOM   222 O "O5'" . DC  B 1 2  ? -3.373  -8.547  12.747  1.00 53.45 ? 12  DC  B "O5'" 1 
ATOM   223 C "C5'" . DC  B 1 2  ? -4.778  -8.328  12.730  1.00 59.12 ? 12  DC  B "C5'" 1 
ATOM   224 C "C4'" . DC  B 1 2  ? -5.140  -7.461  11.567  1.00 55.57 ? 12  DC  B "C4'" 1 
ATOM   225 O "O4'" . DC  B 1 2  ? -4.559  -6.183  11.796  1.00 42.13 ? 12  DC  B "O4'" 1 
ATOM   226 C "C3'" . DC  B 1 2  ? -4.547  -7.964  10.241  1.00 35.23 ? 12  DC  B "C3'" 1 
ATOM   227 O "O3'" . DC  B 1 2  ? -5.435  -7.580  9.219   1.00 67.93 ? 12  DC  B "O3'" 1 
ATOM   228 C "C2'" . DC  B 1 2  ? -3.269  -7.143  10.144  1.00 41.25 ? 12  DC  B "C2'" 1 
ATOM   229 C "C1'" . DC  B 1 2  ? -3.804  -5.831  10.660  1.00 44.77 ? 12  DC  B "C1'" 1 
ATOM   230 N N1    . DC  B 1 2  ? -2.833  -4.780  11.076  1.00 57.65 ? 12  DC  B N1    1 
ATOM   231 C C2    . DC  B 1 2  ? -3.292  -3.449  11.186  1.00 57.20 ? 12  DC  B C2    1 
ATOM   232 O O2    . DC  B 1 2  ? -4.499  -3.181  10.885  1.00 37.48 ? 12  DC  B O2    1 
ATOM   233 N N3    . DC  B 1 2  ? -2.422  -2.496  11.596  1.00 49.02 ? 12  DC  B N3    1 
ATOM   234 C C4    . DC  B 1 2  ? -1.146  -2.821  11.881  1.00 54.32 ? 12  DC  B C4    1 
ATOM   235 N N4    . DC  B 1 2  ? -0.323  -1.831  12.308  1.00 47.22 ? 12  DC  B N4    1 
ATOM   236 C C5    . DC  B 1 2  ? -0.658  -4.162  11.734  1.00 28.96 ? 12  DC  B C5    1 
ATOM   237 C C6    . DC  B 1 2  ? -1.533  -5.101  11.335  1.00 46.89 ? 12  DC  B C6    1 
ATOM   238 P P     . DA  B 1 3  ? -5.805  -8.567  8.012   1.00 67.31 ? 13  DA  B P     1 
ATOM   239 O OP1   . DA  B 1 3  ? -6.467  -9.757  8.601   1.00 49.73 ? 13  DA  B OP1   1 
ATOM   240 O OP2   . DA  B 1 3  ? -4.613  -8.692  7.136   1.00 56.91 ? 13  DA  B OP2   1 
ATOM   241 O "O5'" . DA  B 1 3  ? -6.925  -7.813  7.172   1.00 62.69 ? 13  DA  B "O5'" 1 
ATOM   242 C "C5'" . DA  B 1 3  ? -8.196  -7.555  7.740   1.00 51.23 ? 13  DA  B "C5'" 1 
ATOM   243 C "C4'" . DA  B 1 3  ? -8.665  -6.197  7.301   1.00 59.66 ? 13  DA  B "C4'" 1 
ATOM   244 O "O4'" . DA  B 1 3  ? -7.640  -5.216  7.608   1.00 66.36 ? 13  DA  B "O4'" 1 
ATOM   245 C "C3'" . DA  B 1 3  ? -8.784  -6.151  5.787   1.00 68.57 ? 13  DA  B "C3'" 1 
ATOM   246 O "O3'" . DA  B 1 3  ? -9.628  -5.070  5.473   1.00 84.77 ? 13  DA  B "O3'" 1 
ATOM   247 C "C2'" . DA  B 1 3  ? -7.379  -5.808  5.340   1.00 40.55 ? 13  DA  B "C2'" 1 
ATOM   248 C "C1'" . DA  B 1 3  ? -6.992  -4.799  6.399   1.00 56.30 ? 13  DA  B "C1'" 1 
ATOM   249 N N9    . DA  B 1 3  ? -5.559  -4.710  6.668   1.00 53.13 ? 13  DA  B N9    1 
ATOM   250 C C8    . DA  B 1 3  ? -4.588  -5.682  6.585   1.00 56.62 ? 13  DA  B C8    1 
ATOM   251 N N7    . DA  B 1 3  ? -3.396  -5.275  6.968   1.00 62.93 ? 13  DA  B N7    1 
ATOM   252 C C5    . DA  B 1 3  ? -3.596  -3.945  7.318   1.00 61.55 ? 13  DA  B C5    1 
ATOM   253 C C6    . DA  B 1 3  ? -2.736  -2.943  7.844   1.00 81.65 ? 13  DA  B C6    1 
ATOM   254 N N6    . DA  B 1 3  ? -1.446  -3.146  8.179   1.00 38.71 ? 13  DA  B N6    1 
ATOM   255 N N1    . DA  B 1 3  ? -3.266  -1.713  8.045   1.00 66.83 ? 13  DA  B N1    1 
ATOM   256 C C2    . DA  B 1 3  ? -4.565  -1.518  7.776   1.00 68.61 ? 13  DA  B C2    1 
ATOM   257 N N3    . DA  B 1 3  ? -5.473  -2.378  7.319   1.00 72.04 ? 13  DA  B N3    1 
ATOM   258 C C4    . DA  B 1 3  ? -4.921  -3.582  7.108   1.00 62.76 ? 13  DA  B C4    1 
ATOM   259 P P     . DG  B 1 4  ? -10.205 -4.950  4.007   1.00 69.97 ? 14  DG  B P     1 
ATOM   260 O OP1   . DG  B 1 4  ? -11.660 -4.777  4.214   1.00 79.98 ? 14  DG  B OP1   1 
ATOM   261 O OP2   . DG  B 1 4  ? -9.698  -6.105  3.236   1.00 82.87 ? 14  DG  B OP2   1 
ATOM   262 O "O5'" . DG  B 1 4  ? -9.537  -3.608  3.487   1.00 48.20 ? 14  DG  B "O5'" 1 
ATOM   263 C "C5'" . DG  B 1 4  ? -9.662  -2.422  4.255   1.00 56.58 ? 14  DG  B "C5'" 1 
ATOM   264 C "C4'" . DG  B 1 4  ? -8.841  -1.314  3.647   1.00 48.13 ? 14  DG  B "C4'" 1 
ATOM   265 O "O4'" . DG  B 1 4  ? -7.469  -1.403  4.064   1.00 58.87 ? 14  DG  B "O4'" 1 
ATOM   266 C "C3'" . DG  B 1 4  ? -8.792  -1.338  2.126   1.00 67.02 ? 14  DG  B "C3'" 1 
ATOM   267 O "O3'" . DG  B 1 4  ? -8.701  -0.003  1.635   1.00 78.63 ? 14  DG  B "O3'" 1 
ATOM   268 C "C2'" . DG  B 1 4  ? -7.457  -1.988  1.851   1.00 58.81 ? 14  DG  B "C2'" 1 
ATOM   269 C "C1'" . DG  B 1 4  ? -6.667  -1.260  2.893   1.00 72.32 ? 14  DG  B "C1'" 1 
ATOM   270 N N9    . DG  B 1 4  ? -5.380  -1.872  3.171   1.00 65.69 ? 14  DG  B N9    1 
ATOM   271 C C8    . DG  B 1 4  ? -5.092  -3.204  3.110   1.00 72.72 ? 14  DG  B C8    1 
ATOM   272 N N7    . DG  B 1 4  ? -3.896  -3.475  3.535   1.00 69.11 ? 14  DG  B N7    1 
ATOM   273 C C5    . DG  B 1 4  ? -3.363  -2.244  3.882   1.00 55.14 ? 14  DG  B C5    1 
ATOM   274 C C6    . DG  B 1 4  ? -2.136  -1.926  4.439   1.00 53.91 ? 14  DG  B C6    1 
ATOM   275 O O6    . DG  B 1 4  ? -1.245  -2.690  4.797   1.00 68.63 ? 14  DG  B O6    1 
ATOM   276 N N1    . DG  B 1 4  ? -1.974  -0.558  4.601   1.00 76.09 ? 14  DG  B N1    1 
ATOM   277 C C2    . DG  B 1 4  ? -2.901  0.388   4.279   1.00 51.16 ? 14  DG  B C2    1 
ATOM   278 N N2    . DG  B 1 4  ? -2.555  1.694   4.497   1.00 51.36 ? 14  DG  B N2    1 
ATOM   279 N N3    . DG  B 1 4  ? -4.076  0.093   3.778   1.00 57.38 ? 14  DG  B N3    1 
ATOM   280 C C4    . DG  B 1 4  ? -4.238  -1.241  3.613   1.00 52.16 ? 14  DG  B C4    1 
ATOM   281 P P     . DT  B 1 5  ? -9.183  0.315   0.136   1.00 97.78 ? 15  DT  B P     1 
ATOM   282 O OP1   . DT  B 1 5  ? -10.601 0.696   0.013   1.00 98.07 ? 15  DT  B OP1   1 
ATOM   283 O OP2   . DT  B 1 5  ? -8.615  -0.680  -0.846  1.00 67.27 ? 15  DT  B OP2   1 
ATOM   284 O "O5'" . DT  B 1 5  ? -8.496  1.651   -0.189  1.00 65.09 ? 15  DT  B "O5'" 1 
ATOM   285 C "C5'" . DT  B 1 5  ? -9.080  2.843   0.247   1.00 57.33 ? 15  DT  B "C5'" 1 
ATOM   286 C "C4'" . DT  B 1 5  ? -7.988  3.850   0.397   1.00 69.98 ? 15  DT  B "C4'" 1 
ATOM   287 O "O4'" . DT  B 1 5  ? -6.824  3.142   0.835   1.00 81.54 ? 15  DT  B "O4'" 1 
ATOM   288 C "C3'" . DT  B 1 5  ? -7.603  4.413   -0.960  1.00 60.24 ? 15  DT  B "C3'" 1 
ATOM   289 O "O3'" . DT  B 1 5  ? -6.811  5.542   -0.741  1.00 74.44 ? 15  DT  B "O3'" 1 
ATOM   290 C "C2'" . DT  B 1 5  ? -6.625  3.389   -1.483  1.00 74.08 ? 15  DT  B "C2'" 1 
ATOM   291 C "C1'" . DT  B 1 5  ? -5.822  3.318   -0.192  1.00 71.19 ? 15  DT  B "C1'" 1 
ATOM   292 N N1    . DT  B 1 5  ? -4.812  2.370   -0.068  1.00 57.39 ? 15  DT  B N1    1 
ATOM   293 C C2    . DT  B 1 5  ? -3.467  2.346   0.311   1.00 84.55 ? 15  DT  B C2    1 
ATOM   294 O O2    . DT  B 1 5  ? -2.786  3.289   0.655   1.00 57.44 ? 15  DT  B O2    1 
ATOM   295 N N3    . DT  B 1 5  ? -2.928  1.063   0.236   1.00 68.59 ? 15  DT  B N3    1 
ATOM   296 C C4    . DT  B 1 5  ? -3.564  -0.106  -0.151  1.00 80.99 ? 15  DT  B C4    1 
ATOM   297 O O4    . DT  B 1 5  ? -2.958  -1.176  -0.168  1.00 52.45 ? 15  DT  B O4    1 
ATOM   298 C C5    . DT  B 1 5  ? -4.956  0.046   -0.530  1.00 71.86 ? 15  DT  B C5    1 
ATOM   299 C C7    . DT  B 1 5  ? -5.741  -1.117  -1.013  1.00 93.41 ? 15  DT  B C7    1 
ATOM   300 C C6    . DT  B 1 5  ? -5.485  1.250   -0.458  1.00 97.55 ? 15  DT  B C6    1 
ATOM   301 P P     . DA  B 1 6  ? -6.525  6.505   -1.962  1.00 69.57 ? 16  DA  B P     1 
ATOM   302 O OP1   . DA  B 1 6  ? -7.077  7.835   -1.712  1.00 98.08 ? 16  DA  B OP1   1 
ATOM   303 O OP2   . DA  B 1 6  ? -6.878  5.763   -3.221  1.00 64.52 ? 16  DA  B OP2   1 
ATOM   304 O "O5'" . DA  B 1 6  ? -4.973  6.676   -1.868  1.00 70.38 ? 16  DA  B "O5'" 1 
ATOM   305 C "C5'" . DA  B 1 6  ? -4.437  7.488   -0.855  1.00 65.67 ? 16  DA  B "C5'" 1 
ATOM   306 C "C4'" . DA  B 1 6  ? -2.944  7.519   -1.022  1.00 78.02 ? 16  DA  B "C4'" 1 
ATOM   307 O "O4'" . DA  B 1 6  ? -2.512  6.136   -0.996  1.00 90.87 ? 16  DA  B "O4'" 1 
ATOM   308 C "C3'" . DA  B 1 6  ? -2.537  8.065   -2.393  1.00 71.27 ? 16  DA  B "C3'" 1 
ATOM   309 O "O3'" . DA  B 1 6  ? -1.463  8.957   -2.189  1.00 52.75 ? 16  DA  B "O3'" 1 
ATOM   310 C "C2'" . DA  B 1 6  ? -2.101  6.829   -3.184  1.00 85.79 ? 16  DA  B "C2'" 1 
ATOM   311 C "C1'" . DA  B 1 6  ? -1.650  5.867   -2.088  1.00 91.06 ? 16  DA  B "C1'" 1 
ATOM   312 N N9    . DA  B 1 6  ? -1.746  4.426   -2.365  1.00 56.78 ? 16  DA  B N9    1 
ATOM   313 C C8    . DA  B 1 6  ? -2.799  3.797   -2.950  1.00 49.76 ? 16  DA  B C8    1 
ATOM   314 N N7    . DA  B 1 6  ? -2.687  2.482   -2.974  1.00 72.47 ? 16  DA  B N7    1 
ATOM   315 C C5    . DA  B 1 6  ? -1.468  2.246   -2.369  1.00 50.93 ? 16  DA  B C5    1 
ATOM   316 C C6    . DA  B 1 6  ? -0.786  1.039   -2.044  1.00 63.75 ? 16  DA  B C6    1 
ATOM   317 N N6    . DA  B 1 6  ? -1.278  -0.200  -2.225  1.00 48.06 ? 16  DA  B N6    1 
ATOM   318 N N1    . DA  B 1 6  ? 0.448   1.159   -1.494  1.00 44.98 ? 16  DA  B N1    1 
ATOM   319 C C2    . DA  B 1 6  ? 0.912   2.375   -1.245  1.00 67.71 ? 16  DA  B C2    1 
ATOM   320 N N3    . DA  B 1 6  ? 0.351   3.565   -1.461  1.00 60.58 ? 16  DA  B N3    1 
ATOM   321 C C4    . DA  B 1 6  ? -0.860  3.427   -2.032  1.00 46.71 ? 16  DA  B C4    1 
ATOM   322 P P     . DC  B 1 7  ? -0.792  9.643   -3.449  1.00 78.99 ? 17  DC  B P     1 
ATOM   323 O OP1   . DC  B 1 7  ? -0.382  10.992  -3.025  1.00 77.53 ? 17  DC  B OP1   1 
ATOM   324 O OP2   . DC  B 1 7  ? -1.737  9.449   -4.615  1.00 69.91 ? 17  DC  B OP2   1 
ATOM   325 O "O5'" . DC  B 1 7  ? 0.594   8.898   -3.640  1.00 81.88 ? 17  DC  B "O5'" 1 
ATOM   326 C "C5'" . DC  B 1 7  ? 1.129   8.091   -2.608  1.00 72.54 ? 17  DC  B "C5'" 1 
ATOM   327 C "C4'" . DC  B 1 7  ? 2.249   7.225   -3.139  1.00 55.28 ? 17  DC  B "C4'" 1 
ATOM   328 O "O4'" . DC  B 1 7  ? 1.759   5.888   -3.329  1.00 58.68 ? 17  DC  B "O4'" 1 
ATOM   329 C "C3'" . DC  B 1 7  ? 2.813   7.690   -4.471  1.00 56.04 ? 17  DC  B "C3'" 1 
ATOM   330 O "O3'" . DC  B 1 7  ? 4.197   7.999   -4.311  1.00 59.44 ? 17  DC  B "O3'" 1 
ATOM   331 C "C2'" . DC  B 1 7  ? 2.504   6.556   -5.447  1.00 56.58 ? 17  DC  B "C2'" 1 
ATOM   332 C "C1'" . DC  B 1 7  ? 2.172   5.348   -4.584  1.00 52.38 ? 17  DC  B "C1'" 1 
ATOM   333 N N1    . DC  B 1 7  ? 1.141   4.325   -5.057  1.00 57.70 ? 17  DC  B N1    1 
ATOM   334 C C2    . DC  B 1 7  ? 1.396   2.946   -4.822  1.00 65.66 ? 17  DC  B C2    1 
ATOM   335 O O2    . DC  B 1 7  ? 2.491   2.603   -4.299  1.00 75.99 ? 17  DC  B O2    1 
ATOM   336 N N3    . DC  B 1 7  ? 0.444   2.013   -5.153  1.00 62.50 ? 17  DC  B N3    1 
ATOM   337 C C4    . DC  B 1 7  ? -0.709  2.396   -5.675  1.00 51.04 ? 17  DC  B C4    1 
ATOM   338 N N4    . DC  B 1 7  ? -1.645  1.441   -5.926  1.00 54.42 ? 17  DC  B N4    1 
ATOM   339 C C5    . DC  B 1 7  ? -0.970  3.764   -5.956  1.00 63.25 ? 17  DC  B C5    1 
ATOM   340 C C6    . DC  B 1 7  ? -0.016  4.684   -5.646  1.00 40.62 ? 17  DC  B C6    1 
ATOM   341 P P     . DT  B 1 8  ? 5.028   8.617   -5.544  1.00 63.94 ? 18  DT  B P     1 
ATOM   342 O OP1   . DT  B 1 8  ? 6.214   9.368   -5.122  1.00 59.67 ? 18  DT  B OP1   1 
ATOM   343 O OP2   . DT  B 1 8  ? 4.021   9.317   -6.369  1.00 89.33 ? 18  DT  B OP2   1 
ATOM   344 O "O5'" . DT  B 1 8  ? 5.547   7.321   -6.331  1.00 57.61 ? 18  DT  B "O5'" 1 
ATOM   345 C "C5'" . DT  B 1 8  ? 6.157   6.232   -5.599  1.00 99.11 ? 18  DT  B "C5'" 1 
ATOM   346 C "C4'" . DT  B 1 8  ? 6.357   5.027   -6.472  1.00 73.00 ? 18  DT  B "C4'" 1 
ATOM   347 O "O4'" . DT  B 1 8  ? 5.172   4.165   -6.537  1.00 75.37 ? 18  DT  B "O4'" 1 
ATOM   348 C "C3'" . DT  B 1 8  ? 6.706   5.384   -7.888  1.00 60.95 ? 18  DT  B "C3'" 1 
ATOM   349 O "O3'" . DT  B 1 8  ? 7.641   4.441   -8.328  1.00 59.89 ? 18  DT  B "O3'" 1 
ATOM   350 C "C2'" . DT  B 1 8  ? 5.402   5.101   -8.614  1.00 79.96 ? 18  DT  B "C2'" 1 
ATOM   351 C "C1'" . DT  B 1 8  ? 4.928   3.865   -7.882  1.00 42.02 ? 18  DT  B "C1'" 1 
ATOM   352 N N1    . DT  B 1 8  ? 3.488   3.552   -8.039  1.00 50.97 ? 18  DT  B N1    1 
ATOM   353 C C2    . DT  B 1 8  ? 3.049   2.272   -7.822  1.00 49.12 ? 18  DT  B C2    1 
ATOM   354 O O2    . DT  B 1 8  ? 3.749   1.402   -7.363  1.00 55.09 ? 18  DT  B O2    1 
ATOM   355 N N3    . DT  B 1 8  ? 1.750   2.036   -8.114  1.00 74.21 ? 18  DT  B N3    1 
ATOM   356 C C4    . DT  B 1 8  ? 0.820   2.966   -8.581  1.00 58.72 ? 18  DT  B C4    1 
ATOM   357 O O4    . DT  B 1 8  ? -0.339  2.591   -8.852  1.00 65.40 ? 18  DT  B O4    1 
ATOM   358 C C5    . DT  B 1 8  ? 1.319   4.296   -8.703  1.00 72.38 ? 18  DT  B C5    1 
ATOM   359 C C7    . DT  B 1 8  ? 0.379   5.386   -9.117  1.00 79.48 ? 18  DT  B C7    1 
ATOM   360 C C6    . DT  B 1 8  ? 2.602   4.540   -8.448  1.00 38.85 ? 18  DT  B C6    1 
ATOM   361 P P     . DG  B 1 9  ? 8.853   4.943   -9.199  1.00 66.12 ? 19  DG  B P     1 
ATOM   362 O OP1   . DG  B 1 9  ? 9.785   5.526   -8.226  1.00 67.44 ? 19  DG  B OP1   1 
ATOM   363 O OP2   . DG  B 1 9  ? 8.363   5.771   -10.337 1.00 73.69 ? 19  DG  B OP2   1 
ATOM   364 O "O5'" . DG  B 1 9  ? 9.376   3.540   -9.681  1.00 58.33 ? 19  DG  B "O5'" 1 
ATOM   365 C "C5'" . DG  B 1 9  ? 9.539   2.506   -8.735  1.00 54.11 ? 19  DG  B "C5'" 1 
ATOM   366 C "C4'" . DG  B 1 9  ? 9.226   1.189   -9.384  1.00 70.84 ? 19  DG  B "C4'" 1 
ATOM   367 O "O4'" . DG  B 1 9  ? 7.797   1.098   -9.600  1.00 82.67 ? 19  DG  B "O4'" 1 
ATOM   368 C "C3'" . DG  B 1 9  ? 9.851   1.074   -10.769 1.00 51.25 ? 19  DG  B "C3'" 1 
ATOM   369 O "O3'" . DG  B 1 9  ? 10.066  -0.310  -11.006 1.00 85.53 ? 19  DG  B "O3'" 1 
ATOM   370 C "C2'" . DG  B 1 9  ? 8.752   1.613   -11.661 1.00 52.16 ? 19  DG  B "C2'" 1 
ATOM   371 C "C1'" . DG  B 1 9  ? 7.553   0.996   -10.996 1.00 63.19 ? 19  DG  B "C1'" 1 
ATOM   372 N N9    . DG  B 1 9  ? 6.305   1.682   -11.276 1.00 39.53 ? 19  DG  B N9    1 
ATOM   373 C C8    . DG  B 1 9  ? 6.136   3.006   -11.615 1.00 51.32 ? 19  DG  B C8    1 
ATOM   374 N N7    . DG  B 1 9  ? 4.879   3.348   -11.723 1.00 55.88 ? 19  DG  B N7    1 
ATOM   375 C C5    . DG  B 1 9  ? 4.178   2.170   -11.465 1.00 33.09 ? 19  DG  B C5    1 
ATOM   376 C C6    . DG  B 1 9  ? 2.775   1.904   -11.472 1.00 64.21 ? 19  DG  B C6    1 
ATOM   377 O O6    . DG  B 1 9  ? 1.833   2.689   -11.686 1.00 51.79 ? 19  DG  B O6    1 
ATOM   378 N N1    . DG  B 1 9  ? 2.511   0.556   -11.210 1.00 44.35 ? 19  DG  B N1    1 
ATOM   379 C C2    . DG  B 1 9  ? 3.467   -0.417  -10.999 1.00 38.39 ? 19  DG  B C2    1 
ATOM   380 N N2    . DG  B 1 9  ? 3.014   -1.657  -10.824 1.00 48.04 ? 19  DG  B N2    1 
ATOM   381 N N3    . DG  B 1 9  ? 4.772   -0.185  -10.980 1.00 39.49 ? 19  DG  B N3    1 
ATOM   382 C C4    . DG  B 1 9  ? 5.051   1.126   -11.217 1.00 54.49 ? 19  DG  B C4    1 
ATOM   383 P P     . DG  B 1 10 ? 10.660  -0.809  -12.399 1.00 65.25 ? 20  DG  B P     1 
ATOM   384 O OP1   . DG  B 1 10 ? 11.961  -1.387  -12.020 1.00 73.33 ? 20  DG  B OP1   1 
ATOM   385 O OP2   . DG  B 1 10 ? 10.548  0.187   -13.527 1.00 63.41 ? 20  DG  B OP2   1 
ATOM   386 O "O5'" . DG  B 1 10 ? 9.693   -1.993  -12.776 1.00 83.46 ? 20  DG  B "O5'" 1 
ATOM   387 C "C5'" . DG  B 1 10 ? 9.558   -3.131  -11.941 1.00 46.19 ? 20  DG  B "C5'" 1 
ATOM   388 C "C4'" . DG  B 1 10 ? 8.665   -4.151  -12.618 1.00 70.93 ? 20  DG  B "C4'" 1 
ATOM   389 O "O4'" . DG  B 1 10 ? 7.309   -3.617  -12.736 1.00 72.65 ? 20  DG  B "O4'" 1 
ATOM   390 C "C3'" . DG  B 1 10 ? 9.093   -4.527  -14.036 1.00 50.32 ? 20  DG  B "C3'" 1 
ATOM   391 O "O3'" . DG  B 1 10 ? 8.803   -5.884  -14.309 1.00 65.19 ? 20  DG  B "O3'" 1 
ATOM   392 C "C2'" . DG  B 1 10 ? 8.286   -3.571  -14.909 1.00 65.78 ? 20  DG  B "C2'" 1 
ATOM   393 C "C1'" . DG  B 1 10 ? 7.016   -3.278  -14.095 1.00 65.03 ? 20  DG  B "C1'" 1 
ATOM   394 N N9    . DG  B 1 10 ? 6.492   -1.897  -14.146 1.00 51.57 ? 20  DG  B N9    1 
ATOM   395 C C8    . DG  B 1 10 ? 7.191   -0.710  -14.175 1.00 37.97 ? 20  DG  B C8    1 
ATOM   396 N N7    . DG  B 1 10 ? 6.416   0.331   -14.308 1.00 45.57 ? 20  DG  B N7    1 
ATOM   397 C C5    . DG  B 1 10 ? 5.138   -0.195  -14.354 1.00 36.59 ? 20  DG  B C5    1 
ATOM   398 C C6    . DG  B 1 10 ? 3.840   0.435   -14.594 1.00 59.18 ? 20  DG  B C6    1 
ATOM   399 O O6    . DG  B 1 10 ? 3.555   1.639   -14.781 1.00 50.97 ? 20  DG  B O6    1 
ATOM   400 N N1    . DG  B 1 10 ? 2.822   -0.504  -14.632 1.00 43.17 ? 20  DG  B N1    1 
ATOM   401 C C2    . DG  B 1 10 ? 2.983   -1.844  -14.471 1.00 38.65 ? 20  DG  B C2    1 
ATOM   402 N N2    . DG  B 1 10 ? 1.897   -2.538  -14.522 1.00 36.65 ? 20  DG  B N2    1 
ATOM   403 N N3    . DG  B 1 10 ? 4.140   -2.440  -14.264 1.00 81.29 ? 20  DG  B N3    1 
ATOM   404 C C4    . DG  B 1 10 ? 5.169   -1.562  -14.227 1.00 50.29 ? 20  DG  B C4    1 
HETATM 405 C C     . HP1 C 2 .  ? 6.313   2.445   -0.136  1.00 63.92 ? 22  HP1 A C     1 
HETATM 406 C C1    . HP1 C 2 .  ? 1.602   5.588   3.465   1.00 54.17 ? 22  HP1 A C1    1 
HETATM 407 C C2    . HP1 C 2 .  ? 7.414   3.233   0.192   1.00 50.79 ? 22  HP1 A C2    1 
HETATM 408 C C3    . HP1 C 2 .  ? 8.051   5.307   1.519   1.00 56.68 ? 22  HP1 A C3    1 
HETATM 409 C C4    . HP1 C 2 .  ? 5.658   4.175   1.197   1.00 60.36 ? 22  HP1 A C4    1 
HETATM 410 C C5    . HP1 C 2 .  ? 4.861   5.121   1.945   1.00 73.75 ? 22  HP1 A C5    1 
HETATM 411 C C6    . HP1 C 2 .  ? 2.784   5.864   2.849   1.00 68.95 ? 22  HP1 A C6    1 
HETATM 412 C C8    . HP1 C 2 .  ? 3.014   7.242   2.962   1.00 63.28 ? 22  HP1 A C8    1 
HETATM 413 C C9    . HP1 C 2 .  ? 1.912   9.278   3.917   1.00 78.03 ? 22  HP1 A C9    1 
HETATM 414 C C10   . HP1 C 2 .  ? 1.098   6.764   3.946   1.00 73.82 ? 22  HP1 A C10   1 
HETATM 415 C C11   . HP1 C 2 .  ? -0.141  6.879   4.651   1.00 85.44 ? 22  HP1 A C11   1 
HETATM 416 C C12   . HP1 C 2 .  ? -2.227  5.806   5.378   1.00 58.05 ? 22  HP1 A C12   1 
HETATM 417 C C13   . HP1 C 2 .  ? -3.059  4.680   5.585   1.00 40.83 ? 22  HP1 A C13   1 
HETATM 418 C C14   . HP1 C 2 .  ? -2.909  6.916   5.895   1.00 74.94 ? 22  HP1 A C14   1 
HETATM 419 C C15   . HP1 C 2 .  ? -5.083  7.499   6.983   1.00 67.44 ? 22  HP1 A C15   1 
HETATM 420 C C16   . HP1 C 2 .  ? -4.241  5.195   6.193   1.00 50.74 ? 22  HP1 A C16   1 
HETATM 421 C C18   A HP1 C 2 .  ? -9.381  -1.301  8.443   0.54 93.83 ? 22  HP1 A C18   1 
HETATM 422 C C18   B HP1 C 2 .  ? -9.691  -0.577  8.274   0.39 90.82 ? 22  HP1 A C18   1 
HETATM 423 C C19   A HP1 C 2 .  ? -9.839  -1.648  9.904   0.54 90.66 ? 22  HP1 A C19   1 
HETATM 424 C C19   B HP1 C 2 .  ? -10.062 -1.766  9.169   0.39 96.20 ? 22  HP1 A C19   1 
HETATM 425 C C20   A HP1 C 2 .  ? -11.368 -2.023  10.045  0.54 63.57 ? 22  HP1 A C20   1 
HETATM 426 C C20   B HP1 C 2 .  ? -11.542 -1.703  9.626   0.39 74.37 ? 22  HP1 A C20   1 
HETATM 427 C C21   A HP1 C 2 .  ? -11.538 -3.445  12.071  0.54 74.46 ? 22  HP1 A C21   1 
HETATM 428 C C21   B HP1 C 2 .  ? -12.372 -3.535  8.029   0.39 66.01 ? 22  HP1 A C21   1 
HETATM 429 C C22   A HP1 C 2 .  ? -13.458 -2.054  11.481  0.54 58.40 ? 22  HP1 A C22   1 
HETATM 430 C C22   B HP1 C 2 .  ? -13.857 -1.563  8.514   0.39 75.54 ? 22  HP1 A C22   1 
HETATM 431 C C23   . HP1 C 2 .  ? -5.268  4.501   6.660   1.00 57.17 ? 22  HP1 A C23   1 
HETATM 432 C C24   . HP1 C 2 .  ? 7.434   0.756   -1.442  1.00 66.14 ? 22  HP1 A C24   1 
HETATM 433 C C25   . HP1 C 2 .  ? 7.377   -0.357  -2.328  1.00 56.66 ? 22  HP1 A C25   1 
HETATM 434 C C26   . HP1 C 2 .  ? 6.610   -1.893  -3.658  1.00 43.56 ? 22  HP1 A C26   1 
HETATM 435 C C27   . HP1 C 2 .  ? 7.965   -1.992  -3.654  1.00 47.88 ? 22  HP1 A C27   1 
HETATM 436 C C28   . HP1 C 2 .  ? 9.952   -0.893  -2.550  1.00 52.14 ? 22  HP1 A C28   1 
HETATM 437 C C29   . HP1 C 2 .  ? -6.190  2.607   7.693   1.00 43.66 ? 22  HP1 A C29   1 
HETATM 438 C C30   A HP1 C 2 .  ? -6.421  1.104   7.399   0.54 63.21 ? 22  HP1 A C30   1 
HETATM 439 C C30   B HP1 C 2 .  ? -6.466  1.163   7.382   0.39 72.18 ? 22  HP1 A C30   1 
HETATM 440 C C31   A HP1 C 2 .  ? -7.824  0.572   7.721   0.54 79.29 ? 22  HP1 A C31   1 
HETATM 441 C C31   B HP1 C 2 .  ? -7.891  0.826   7.656   0.39 84.98 ? 22  HP1 A C31   1 
HETATM 442 C C32   . HP1 C 2 .  ? 5.219   3.012   0.478   1.00 75.21 ? 22  HP1 A C32   1 
HETATM 443 O O1    . HP1 C 2 .  ? 5.381   6.173   2.302   1.00 81.03 ? 22  HP1 A O1    1 
HETATM 444 O O2    . HP1 C 2 .  ? -0.429  7.980   5.128   1.00 81.08 ? 22  HP1 A O2    1 
HETATM 445 O O3    . HP1 C 2 .  ? -6.310  5.112   6.971   1.00 50.56 ? 22  HP1 A O3    1 
HETATM 446 O O4    . HP1 C 2 .  ? 8.544   1.223   -1.187  1.00 66.00 ? 22  HP1 A O4    1 
HETATM 447 O O5    A HP1 C 2 .  ? -8.769  1.360   7.592   0.54 91.35 ? 22  HP1 A O5    1 
HETATM 448 O O5    B HP1 C 2 .  ? -8.742  1.709   7.463   0.39 91.16 ? 22  HP1 A O5    1 
HETATM 449 O O6    . HP1 C 2 .  ? 3.913   2.497   0.384   1.00 49.82 ? 22  HP1 A O6    1 
HETATM 450 N N     . HP1 C 2 .  ? 7.042   4.295   0.999   1.00 81.26 ? 22  HP1 A N     1 
HETATM 451 N N1    . HP1 C 2 .  ? 3.575   4.918   2.204   1.00 58.22 ? 22  HP1 A N1    1 
HETATM 452 N N3    . HP1 C 2 .  ? 1.967   7.816   3.648   1.00 85.89 ? 22  HP1 A N3    1 
HETATM 453 N N4    . HP1 C 2 .  ? -0.976  5.803   4.745   1.00 95.90 ? 22  HP1 A N4    1 
HETATM 454 N N5    . HP1 C 2 .  ? -4.113  6.526   6.401   1.00 62.47 ? 22  HP1 A N5    1 
HETATM 455 N N6    A HP1 C 2 .  ? -8.046  -0.683  8.171   0.54 94.71 ? 22  HP1 A N6    1 
HETATM 456 N N6    B HP1 C 2 .  ? -8.284  -0.350  8.039   0.39 99.34 ? 22  HP1 A N6    1 
HETATM 457 N N7    A HP1 C 2 .  ? -12.001 -2.225  11.404  0.54 39.31 ? 22  HP1 A N7    1 
HETATM 458 N N7    B HP1 C 2 .  ? -12.635 -2.311  8.794   0.39 85.50 ? 22  HP1 A N7    1 
HETATM 459 N N8    . HP1 C 2 .  ? 6.290   1.303   -0.949  1.00 58.29 ? 22  HP1 A N8    1 
HETATM 460 N N9    . HP1 C 2 .  ? 8.475   -1.039  -2.815  1.00 60.54 ? 22  HP1 A N9    1 
HETATM 461 N N10   . HP1 C 2 .  ? 6.232   -0.876  -2.836  1.00 48.62 ? 22  HP1 A N10   1 
HETATM 462 N N11   . HP1 C 2 .  ? -5.093  3.222   7.013   1.00 88.33 ? 22  HP1 A N11   1 
HETATM 463 C C     . TRS D 3 .  ? 1.838   -5.651  3.523   1.00 87.94 ? 200 TRS A C     1 
HETATM 464 C C1    . TRS D 3 .  ? 0.458   -5.384  2.807   1.00 86.24 ? 200 TRS A C1    1 
HETATM 465 C C2    . TRS D 3 .  ? 2.418   -6.809  2.882   1.00 88.17 ? 200 TRS A C2    1 
HETATM 466 C C3    . TRS D 3 .  ? 1.672   -6.035  5.073   1.00 85.96 ? 200 TRS A C3    1 
HETATM 467 N N     . TRS D 3 .  ? 2.531   -4.344  3.436   1.00 74.76 ? 200 TRS A N     1 
HETATM 468 O O1    . TRS D 3 .  ? -0.090  -4.181  3.269   1.00 80.70 ? 200 TRS A O1    1 
HETATM 469 O O2    . TRS D 3 .  ? 3.821   -6.580  2.504   1.00 86.16 ? 200 TRS A O2    1 
HETATM 470 O O3    . TRS D 3 .  ? 0.593   -7.048  5.210   1.00 90.69 ? 200 TRS A O3    1 
HETATM 471 C C     . HP1 E 2 .  ? -1.825  6.206   1.736   1.00 74.72 ? 21  HP1 B C     1 
HETATM 472 C C1    . HP1 E 2 .  ? 3.853   5.035   -1.504  1.00 54.24 ? 21  HP1 B C1    1 
HETATM 473 C C2    . HP1 E 2 .  ? -1.812  7.621   1.779   1.00 81.00 ? 21  HP1 B C2    1 
HETATM 474 C C3    . HP1 E 2 .  ? -0.281  9.594   1.082   1.00 52.15 ? 21  HP1 B C3    1 
HETATM 475 C C4    . HP1 E 2 .  ? 0.116   6.989   0.820   1.00 64.21 ? 21  HP1 B C4    1 
HETATM 476 C C5    . HP1 E 2 .  ? 1.405   7.042   0.283   1.00 63.87 ? 21  HP1 B C5    1 
HETATM 477 C C6    . HP1 E 2 .  ? 3.319   5.957   -0.660  1.00 44.84 ? 21  HP1 B C6    1 
HETATM 478 C C8    . HP1 E 2 .  ? 4.292   6.917   -0.405  1.00 48.05 ? 21  HP1 B C8    1 
HETATM 479 C C9    . HP1 E 2 .  ? 6.646   7.447   -1.027  1.00 56.34 ? 21  HP1 B C9    1 
HETATM 480 C C10   . HP1 E 2 .  ? 5.143   5.417   -1.780  1.00 73.56 ? 21  HP1 B C10   1 
HETATM 481 C C11   . HP1 E 2 .  ? 6.077   4.699   -2.612  1.00 75.51 ? 21  HP1 B C11   1 
HETATM 482 C C12   . HP1 E 2 .  ? 6.537   2.696   -3.984  1.00 54.77 ? 21  HP1 B C12   1 
HETATM 483 C C13   . HP1 E 2 .  ? 6.105   1.687   -4.887  1.00 56.92 ? 21  HP1 B C13   1 
HETATM 484 C C14   . HP1 E 2 .  ? 7.928   2.595   -3.920  1.00 65.09 ? 21  HP1 B C14   1 
HETATM 485 C C15   . HP1 E 2 .  ? 9.784   1.240   -4.881  1.00 66.56 ? 21  HP1 B C15   1 
HETATM 486 C C16   . HP1 E 2 .  ? 7.223   1.014   -5.352  1.00 49.15 ? 21  HP1 B C16   1 
HETATM 487 C C18   A HP1 E 2 .  ? 5.448   -6.385  -9.294  0.76 84.59 ? 21  HP1 B C18   1 
HETATM 488 C C18   B HP1 E 2 .  ? 5.417   -6.371  -9.289  0.46 85.73 ? 21  HP1 B C18   1 
HETATM 489 C C19   A HP1 E 2 .  ? 6.188   -6.237  -10.654 0.76 54.58 ? 21  HP1 B C19   1 
HETATM 490 C C19   B HP1 E 2 .  ? 6.550   -6.259  -10.362 0.46 75.57 ? 21  HP1 B C19   1 
HETATM 491 C C20   A HP1 E 2 .  ? 5.329   -5.790  -11.871 0.76 86.32 ? 21  HP1 B C20   1 
HETATM 492 C C20   B HP1 E 2 .  ? 7.841   -7.133  -10.172 0.46 85.03 ? 21  HP1 B C20   1 
HETATM 493 C C21   A HP1 E 2 .  ? 2.999   -5.330  -12.692 0.76 51.00 ? 21  HP1 B C21   1 
HETATM 494 C C21   B HP1 E 2 .  ? 9.370   -5.224  -9.557  0.46 88.62 ? 21  HP1 B C21   1 
HETATM 495 C C22   A HP1 E 2 .  ? 3.772   -7.625  -12.539 0.76 88.93 ? 21  HP1 B C22   1 
HETATM 496 C C22   B HP1 E 2 .  ? 10.235  -7.494  -9.589  0.46 86.92 ? 21  HP1 B C22   1 
HETATM 497 C C23   . HP1 E 2 .  ? 7.268   0.013   -6.295  1.00 71.56 ? 21  HP1 B C23   1 
HETATM 498 C C24   . HP1 E 2 .  ? -3.966  5.668   2.673   1.00 57.27 ? 21  HP1 B C24   1 
HETATM 499 C C25   . HP1 E 2 .  ? -4.951  4.704   3.073   1.00 69.87 ? 21  HP1 B C25   1 
HETATM 500 C C26   . HP1 E 2 .  ? -5.942  2.781   3.733   1.00 39.85 ? 21  HP1 B C26   1 
HETATM 501 C C27   . HP1 E 2 .  ? -6.915  3.787   3.728   1.00 80.21 ? 21  HP1 B C27   1 
HETATM 502 C C28   . HP1 E 2 .  ? -7.084  6.307   3.173   1.00 60.01 ? 21  HP1 B C28   1 
HETATM 503 C C29   . HP1 E 2 .  ? 6.148   -1.521  -7.927  1.00 45.26 ? 21  HP1 B C29   1 
HETATM 504 C C30   A HP1 E 2 .  ? 5.457   -2.840  -7.573  0.76 62.73 ? 21  HP1 B C30   1 
HETATM 505 C C30   B HP1 E 2 .  ? 5.447   -2.830  -7.563  0.46 70.67 ? 21  HP1 B C30   1 
HETATM 506 C C31   A HP1 E 2 .  ? 5.924   -4.169  -8.189  0.76 79.13 ? 21  HP1 B C31   1 
HETATM 507 C C31   B HP1 E 2 .  ? 5.922   -4.153  -8.177  0.46 77.29 ? 21  HP1 B C31   1 
HETATM 508 C C32   . HP1 E 2 .  ? -0.631  5.821   1.135   1.00 80.98 ? 21  HP1 B C32   1 
HETATM 509 O O1    . HP1 E 2 .  ? 1.958   8.147   0.336   1.00 61.05 ? 21  HP1 B O1    1 
HETATM 510 O O2    . HP1 E 2 .  ? 7.219   5.174   -2.738  1.00 71.32 ? 21  HP1 B O2    1 
HETATM 511 O O3    . HP1 E 2 .  ? 8.374   -0.389  -6.612  1.00 86.92 ? 21  HP1 B O3    1 
HETATM 512 O O4    . HP1 E 2 .  ? -4.191  6.845   2.894   1.00 71.86 ? 21  HP1 B O4    1 
HETATM 513 O O5    A HP1 E 2 .  ? 7.110   -4.373  -8.238  0.76 89.10 ? 21  HP1 B O5    1 
HETATM 514 O O5    B HP1 E 2 .  ? 7.124   -4.359  -8.225  0.46 93.46 ? 21  HP1 B O5    1 
HETATM 515 O O6    . HP1 E 2 .  ? -0.273  4.517   0.873   1.00 73.16 ? 21  HP1 B O6    1 
HETATM 516 N N     . HP1 E 2 .  ? -0.611  8.116   1.214   1.00 87.42 ? 21  HP1 B N     1 
HETATM 517 N N1    . HP1 E 2 .  ? 2.024   5.931   -0.171  1.00 54.80 ? 21  HP1 B N1    1 
HETATM 518 N N3    . HP1 E 2 .  ? 5.437   6.598   -1.086  1.00 65.66 ? 21  HP1 B N3    1 
HETATM 519 N N4    . HP1 E 2 .  ? 5.703   3.534   -3.219  1.00 77.48 ? 21  HP1 B N4    1 
HETATM 520 N N5    . HP1 E 2 .  ? 8.368   1.573   -4.754  1.00 55.79 ? 21  HP1 B N5    1 
HETATM 521 N N6    A HP1 E 2 .  ? 5.068   -5.082  -8.685  0.76 87.50 ? 21  HP1 B N6    1 
HETATM 522 N N6    B HP1 E 2 .  ? 5.064   -5.063  -8.672  0.46 85.42 ? 21  HP1 B N6    1 
HETATM 523 N N7    A HP1 E 2 .  ? 3.890   -6.264  -12.005 0.76 89.71 ? 21  HP1 B N7    1 
HETATM 524 N N7    B HP1 E 2 .  ? 9.051   -6.650  -9.394  0.46 93.50 ? 21  HP1 B N7    1 
HETATM 525 N N8    . HP1 E 2 .  ? -2.818  5.305   2.138   1.00 55.08 ? 21  HP1 B N8    1 
HETATM 526 N N9    . HP1 E 2 .  ? -6.318  5.001   3.318   1.00 86.53 ? 21  HP1 B N9    1 
HETATM 527 N N10   . HP1 E 2 .  ? -4.724  3.359   3.322   1.00 87.29 ? 21  HP1 B N10   1 
HETATM 528 N N11   . HP1 E 2 .  ? 6.146   -0.502  -6.865  1.00 80.63 ? 21  HP1 B N11   1 
HETATM 529 O O     . HOH F 4 .  ? 7.050   6.921   10.270  1.00 47.48 ? 23  HOH A O     1 
HETATM 530 O O     . HOH F 4 .  ? 7.973   -4.497  7.132   1.00 50.37 ? 30  HOH A O     1 
HETATM 531 O O     . HOH F 4 .  ? 11.210  0.890   0.720   1.00 60.66 ? 31  HOH A O     1 
HETATM 532 O O     . HOH F 4 .  ? 8.203   -0.151  8.591   1.00 35.86 ? 32  HOH A O     1 
HETATM 533 O O     . HOH F 4 .  ? 0.339   -6.504  -14.409 1.00 50.06 ? 33  HOH A O     1 
HETATM 534 O O     . HOH F 4 .  ? 0.104   -7.212  8.062   1.00 61.68 ? 34  HOH A O     1 
HETATM 535 O O     . HOH F 4 .  ? -5.993  -2.396  -11.564 1.00 56.72 ? 35  HOH A O     1 
HETATM 536 O O     . HOH F 4 .  ? -2.852  -11.305 -13.593 1.00 66.70 ? 38  HOH A O     1 
HETATM 537 O O     . HOH F 4 .  ? -1.921  -9.795  -6.380  1.00 62.42 ? 39  HOH A O     1 
HETATM 538 O O     . HOH F 4 .  ? -4.440  -2.068  -8.193  1.00 64.65 ? 40  HOH A O     1 
HETATM 539 O O     . HOH F 4 .  ? 10.615  2.425   2.787   1.00 38.90 ? 43  HOH A O     1 
HETATM 540 O O     . HOH F 4 .  ? 3.712   2.458   13.730  1.00 55.08 ? 44  HOH A O     1 
HETATM 541 O O     . HOH F 4 .  ? 6.516   -6.586  4.069   1.00 42.63 ? 46  HOH A O     1 
HETATM 542 O O     . HOH F 4 .  ? -2.812  2.498   -11.503 1.00 45.48 ? 48  HOH A O     1 
HETATM 543 O O     . HOH F 4 .  ? 3.242   -11.589 -8.211  1.00 68.13 ? 50  HOH A O     1 
HETATM 544 O O     . HOH F 4 .  ? -10.506 1.059   5.810   1.00 61.45 ? 52  HOH A O     1 
HETATM 545 O O     . HOH F 4 .  ? -4.244  -4.740  -4.183  1.00 72.04 ? 56  HOH A O     1 
HETATM 546 O O     . HOH F 4 .  ? 1.110   -9.311  6.231   1.00 76.31 ? 59  HOH A O     1 
HETATM 547 O O     . HOH F 4 .  ? 6.467   -1.580  8.535   0.5  55.20 ? 60  HOH A O     1 
HETATM 548 O O     . HOH F 4 .  ? 0.186   2.646   14.224  1.00 68.66 ? 61  HOH A O     1 
HETATM 549 O O     . HOH F 4 .  ? -2.591  -4.671  -0.328  1.00 48.87 ? 64  HOH A O     1 
HETATM 550 O O     . HOH F 4 .  ? -3.624  12.791  8.258   1.00 79.75 ? 67  HOH A O     1 
HETATM 551 O O     . HOH F 4 .  ? 3.939   -11.742 -0.128  1.00 68.09 ? 70  HOH A O     1 
HETATM 552 O O     . HOH F 4 .  ? -9.211  -0.322  12.101  1.00 76.57 ? 75  HOH A O     1 
HETATM 553 O O     . HOH F 4 .  ? -1.596  -2.990  -21.030 1.00 53.33 ? 76  HOH A O     1 
HETATM 554 O O     . HOH F 4 .  ? -6.422  -4.355  -8.629  1.00 69.30 ? 77  HOH A O     1 
HETATM 555 O O     . HOH F 4 .  ? -2.146  -2.980  -18.192 1.00 82.42 ? 78  HOH A O     1 
HETATM 556 O O     . HOH F 4 .  ? -9.783  7.280   6.579   1.00 67.34 ? 81  HOH A O     1 
HETATM 557 O O     . HOH F 4 .  ? 0.207   -7.555  -16.623 1.00 58.06 ? 83  HOH A O     1 
HETATM 558 O O     . HOH F 4 .  ? -1.007  11.885  14.770  1.00 70.63 ? 88  HOH A O     1 
HETATM 559 O O     . HOH F 4 .  ? 1.786   11.727  16.840  1.00 63.93 ? 89  HOH A O     1 
HETATM 560 O O     . HOH F 4 .  ? -12.148 10.041  10.979  1.00 65.04 ? 91  HOH A O     1 
HETATM 561 O O     . HOH F 4 .  ? -1.770  -5.303  -19.237 1.00 72.05 ? 93  HOH A O     1 
HETATM 562 O O     . HOH F 4 .  ? 2.249   3.563   -14.332 1.00 83.68 ? 95  HOH A O     1 
HETATM 563 O O     . HOH F 4 .  ? -3.845  -1.990  -4.929  1.00 65.82 ? 100 HOH A O     1 
HETATM 564 O O     . HOH F 4 .  ? 5.355   1.486   8.758   1.00 54.47 ? 107 HOH A O     1 
HETATM 565 O O     . HOH G 4 .  ? 4.196   4.409   -15.590 1.00 51.46 ? 26  HOH B O     1 
HETATM 566 O O     . HOH G 4 .  ? 11.834  -2.704  -8.852  1.00 69.62 ? 27  HOH B O     1 
HETATM 567 O O     . HOH G 4 .  ? 1.512   7.931   -8.823  1.00 65.06 ? 28  HOH B O     1 
HETATM 568 O O     . HOH G 4 .  ? 8.341   -9.653  -6.002  1.00 59.27 ? 29  HOH B O     1 
HETATM 569 O O     . HOH G 4 .  ? -2.395  5.046   -9.540  1.00 72.77 ? 37  HOH B O     1 
HETATM 570 O O     . HOH G 4 .  ? 11.456  2.482   -13.599 1.00 60.09 ? 41  HOH B O     1 
HETATM 571 O O     . HOH G 4 .  ? 0.830   -6.539  11.991  1.00 44.92 ? 42  HOH B O     1 
HETATM 572 O O     . HOH G 4 .  ? -10.685 6.795   -0.015  1.00 54.56 ? 47  HOH B O     1 
HETATM 573 O O     . HOH G 4 .  ? -3.985  11.606  4.155   1.00 65.23 ? 49  HOH B O     1 
HETATM 574 O O     . HOH G 4 .  ? 10.985  -1.802  -5.661  1.00 48.28 ? 51  HOH B O     1 
HETATM 575 O O     . HOH G 4 .  ? 10.641  -0.198  -16.359 1.00 67.46 ? 53  HOH B O     1 
HETATM 576 O O     . HOH G 4 .  ? 12.384  0.641   -10.364 1.00 53.29 ? 54  HOH B O     1 
HETATM 577 O O     . HOH G 4 .  ? -4.479  -6.967  4.034   1.00 83.86 ? 55  HOH B O     1 
HETATM 578 O O     . HOH G 4 .  ? 3.820   5.714   -12.005 1.00 66.04 ? 57  HOH B O     1 
HETATM 579 O O     . HOH G 4 .  ? 5.322   6.238   -15.753 1.00 63.87 ? 62  HOH B O     1 
HETATM 580 O O     . HOH G 4 .  ? -0.623  -8.797  11.081  1.00 53.25 ? 63  HOH B O     1 
HETATM 581 O O     . HOH G 4 .  ? 12.041  5.110   -12.447 1.00 53.56 ? 65  HOH B O     1 
HETATM 582 O O     . HOH G 4 .  ? 2.504   11.078  0.897   1.00 71.64 ? 68  HOH B O     1 
HETATM 583 O O     . HOH G 4 .  ? 11.201  -7.597  -5.136  1.00 69.49 ? 69  HOH B O     1 
HETATM 584 O O     . HOH G 4 .  ? -4.630  -11.791 17.162  1.00 77.53 ? 72  HOH B O     1 
HETATM 585 O O     . HOH G 4 .  ? -7.321  -5.679  1.176   1.00 55.13 ? 74  HOH B O     1 
HETATM 586 O O     . HOH G 4 .  ? 5.802   2.936   -14.653 1.00 71.48 ? 82  HOH B O     1 
HETATM 587 O O     . HOH G 4 .  ? 14.365  -4.097  -8.878  1.00 62.71 ? 85  HOH B O     1 
HETATM 588 O O     . HOH G 4 .  ? -7.351  8.902   0.268   1.00 66.39 ? 86  HOH B O     1 
HETATM 589 O O     . HOH G 4 .  ? 9.118   -13.993 -4.153  1.00 75.28 ? 90  HOH B O     1 
HETATM 590 O O     . HOH G 4 .  ? 12.874  -11.086 -3.380  1.00 69.03 ? 104 HOH B O     1 
HETATM 591 O O     . HOH G 4 .  ? 9.100   -6.464  -6.568  1.00 76.42 ? 105 HOH B O     1 
HETATM 592 O O     . HOH G 4 .  ? -2.426  7.436   -6.990  1.00 71.82 ? 109 HOH B O     1 
HETATM 593 O O     . HOH G 4 .  ? -4.779  13.310  1.584   1.00 59.00 ? 112 HOH B O     1 
# 
